data_2KPZ
#
_entry.id   2KPZ
#
_cell.length_a   1.000
_cell.length_b   1.000
_cell.length_c   1.000
_cell.angle_alpha   90.00
_cell.angle_beta   90.00
_cell.angle_gamma   90.00
#
_symmetry.space_group_name_H-M   'P 1'
#
loop_
_entity.id
_entity.type
_entity.pdbx_description
1 polymer 'E3 ubiquitin-protein ligase NEDD4'
2 polymer '12-mer from Gag-Pro polyprotein'
#
loop_
_entity_poly.entity_id
_entity_poly.type
_entity_poly.pdbx_seq_one_letter_code
_entity_poly.pdbx_strand_id
1 'polypeptide(L)' GAMGPSEIEQGFLPKGWEVRHAPNGRPFFIDHNTKTTTWEDPRLKIPAH A
2 'polypeptide(L)' SDPQIPPPYVEP B
#
# COMPACT_ATOMS: atom_id res chain seq x y z
N PHE A 12 -1.06 -6.68 11.39
CA PHE A 12 0.41 -6.53 11.56
C PHE A 12 0.90 -5.23 10.94
N LEU A 13 -0.02 -4.46 10.40
CA LEU A 13 0.30 -3.21 9.73
C LEU A 13 -0.11 -2.01 10.55
N PRO A 14 0.61 -0.91 10.39
CA PRO A 14 0.15 0.42 10.73
C PRO A 14 -1.21 0.76 10.19
N LYS A 15 -1.82 1.59 10.93
CA LYS A 15 -3.23 1.95 10.75
C LYS A 15 -3.44 2.58 9.37
N GLY A 16 -4.30 1.96 8.57
CA GLY A 16 -4.61 2.45 7.24
C GLY A 16 -3.62 1.99 6.20
N TRP A 17 -2.77 1.03 6.56
CA TRP A 17 -1.81 0.49 5.61
C TRP A 17 -2.34 -0.79 4.97
N GLU A 18 -2.09 -0.92 3.68
CA GLU A 18 -2.54 -2.06 2.92
C GLU A 18 -1.40 -2.80 2.26
N VAL A 19 -1.62 -4.07 2.11
CA VAL A 19 -0.75 -4.92 1.32
C VAL A 19 -1.58 -5.58 0.24
N ARG A 20 -1.68 -4.94 -0.90
CA ARG A 20 -2.51 -5.45 -1.98
C ARG A 20 -1.66 -5.83 -3.17
N HIS A 21 -2.02 -6.93 -3.81
CA HIS A 21 -1.27 -7.41 -4.96
C HIS A 21 -1.96 -6.96 -6.23
N ALA A 22 -1.31 -6.08 -6.98
CA ALA A 22 -1.85 -5.63 -8.25
C ALA A 22 -1.89 -6.79 -9.23
N PRO A 23 -2.67 -6.68 -10.33
CA PRO A 23 -2.80 -7.76 -11.33
C PRO A 23 -1.47 -8.14 -11.98
N ASN A 24 -0.44 -7.33 -11.76
CA ASN A 24 0.90 -7.62 -12.24
C ASN A 24 1.58 -8.61 -11.31
N GLY A 25 0.95 -8.82 -10.15
CA GLY A 25 1.48 -9.74 -9.17
C GLY A 25 2.44 -9.07 -8.22
N ARG A 26 2.26 -7.78 -8.00
CA ARG A 26 3.10 -7.03 -7.07
C ARG A 26 2.25 -6.41 -5.97
N PRO A 27 2.69 -6.53 -4.71
CA PRO A 27 2.00 -5.92 -3.58
C PRO A 27 2.48 -4.50 -3.32
N PHE A 28 1.58 -3.57 -3.56
CA PHE A 28 1.81 -2.17 -3.33
C PHE A 28 1.16 -1.76 -2.02
N PHE A 29 1.94 -1.19 -1.13
CA PHE A 29 1.48 -0.86 0.20
C PHE A 29 0.88 0.53 0.21
N ILE A 30 -0.41 0.60 0.47
CA ILE A 30 -1.11 1.87 0.45
C ILE A 30 -1.25 2.43 1.84
N ASP A 31 -1.02 3.73 1.95
CA ASP A 31 -1.35 4.47 3.16
C ASP A 31 -2.66 5.20 2.93
N HIS A 32 -3.70 4.68 3.55
CA HIS A 32 -5.06 5.12 3.32
C HIS A 32 -5.38 6.39 4.09
N ASN A 33 -4.39 6.89 4.82
CA ASN A 33 -4.55 8.09 5.62
C ASN A 33 -4.20 9.33 4.82
N THR A 34 -2.95 9.39 4.36
CA THR A 34 -2.44 10.58 3.69
C THR A 34 -2.43 10.41 2.17
N LYS A 35 -3.16 9.40 1.68
CA LYS A 35 -3.31 9.16 0.24
C LYS A 35 -2.00 8.76 -0.41
N THR A 36 -1.06 8.26 0.39
CA THR A 36 0.27 7.98 -0.11
C THR A 36 0.42 6.50 -0.47
N THR A 37 1.26 6.20 -1.44
CA THR A 37 1.49 4.82 -1.85
C THR A 37 2.98 4.51 -1.98
N THR A 38 3.36 3.32 -1.59
CA THR A 38 4.76 2.91 -1.65
C THR A 38 4.89 1.41 -1.87
N TRP A 39 5.98 1.00 -2.51
CA TRP A 39 6.19 -0.43 -2.77
C TRP A 39 6.97 -1.05 -1.62
N GLU A 40 7.46 -0.21 -0.74
CA GLU A 40 8.31 -0.67 0.33
C GLU A 40 7.48 -0.89 1.59
N ASP A 41 8.00 -1.70 2.50
CA ASP A 41 7.22 -2.17 3.62
C ASP A 41 7.76 -1.65 4.95
N PRO A 42 6.93 -0.88 5.67
CA PRO A 42 7.28 -0.36 7.01
C PRO A 42 7.51 -1.46 8.02
N ARG A 43 7.01 -2.65 7.70
CA ARG A 43 7.15 -3.81 8.58
C ARG A 43 8.55 -4.40 8.49
N LEU A 44 9.23 -4.16 7.37
CA LEU A 44 10.57 -4.71 7.15
C LEU A 44 11.62 -3.94 7.92
N LYS A 45 11.19 -2.83 8.47
CA LYS A 45 12.06 -1.96 9.25
C LYS A 45 11.77 -2.19 10.73
N GLN B 4 8.18 4.76 -10.91
CA GLN B 4 7.29 3.60 -10.66
C GLN B 4 6.26 3.97 -9.59
N ILE B 5 5.03 4.20 -10.01
CA ILE B 5 4.00 4.72 -9.11
C ILE B 5 2.97 3.64 -8.74
N PRO B 6 2.77 3.41 -7.44
CA PRO B 6 1.76 2.47 -6.96
C PRO B 6 0.38 3.13 -6.85
N PRO B 7 -0.66 2.49 -7.43
CA PRO B 7 -2.05 2.98 -7.34
C PRO B 7 -2.55 3.18 -5.91
N PRO B 8 -3.08 4.37 -5.59
CA PRO B 8 -3.82 4.63 -4.41
C PRO B 8 -4.91 3.68 -4.13
N TYR B 9 -5.44 4.07 -3.07
CA TYR B 9 -6.55 3.41 -2.41
C TYR B 9 -7.88 3.98 -2.88
N VAL B 10 -8.86 3.12 -3.09
CA VAL B 10 -10.21 3.56 -3.38
C VAL B 10 -11.09 3.33 -2.16
N GLU B 11 -10.91 2.17 -1.56
CA GLU B 11 -11.62 1.77 -0.35
C GLU B 11 -10.85 2.20 0.89
N PRO B 12 -11.51 2.93 1.81
CA PRO B 12 -10.88 3.45 3.03
C PRO B 12 -10.30 2.34 3.91
N PHE A 12 -1.73 -7.24 11.50
CA PHE A 12 -0.27 -7.16 11.60
C PHE A 12 0.24 -5.89 10.94
N LEU A 13 -0.68 -5.12 10.39
CA LEU A 13 -0.35 -3.91 9.66
C LEU A 13 -0.92 -2.68 10.36
N PRO A 14 -0.14 -1.60 10.41
CA PRO A 14 -0.56 -0.28 10.88
C PRO A 14 -1.82 0.23 10.25
N LYS A 15 -2.46 1.03 11.04
CA LYS A 15 -3.79 1.57 10.76
C LYS A 15 -3.83 2.25 9.39
N GLY A 16 -4.71 1.74 8.53
CA GLY A 16 -4.91 2.33 7.22
C GLY A 16 -3.87 1.87 6.21
N TRP A 17 -2.99 0.98 6.61
CA TRP A 17 -1.99 0.44 5.70
C TRP A 17 -2.52 -0.80 5.01
N GLU A 18 -2.53 -0.74 3.69
CA GLU A 18 -3.01 -1.83 2.88
C GLU A 18 -1.88 -2.55 2.22
N VAL A 19 -2.10 -3.82 1.99
CA VAL A 19 -1.14 -4.67 1.29
C VAL A 19 -1.88 -5.47 0.23
N ARG A 20 -1.96 -4.90 -0.96
CA ARG A 20 -2.69 -5.56 -2.02
C ARG A 20 -1.75 -5.89 -3.16
N HIS A 21 -2.04 -6.97 -3.83
CA HIS A 21 -1.17 -7.50 -4.87
C HIS A 21 -1.79 -7.19 -6.22
N ALA A 22 -1.18 -6.27 -6.95
CA ALA A 22 -1.68 -5.86 -8.25
C ALA A 22 -1.64 -7.04 -9.23
N PRO A 23 -2.37 -6.97 -10.37
CA PRO A 23 -2.41 -8.07 -11.36
C PRO A 23 -1.02 -8.45 -11.90
N ASN A 24 -0.04 -7.57 -11.68
CA ASN A 24 1.33 -7.84 -12.08
C ASN A 24 2.00 -8.74 -11.06
N GLY A 25 1.31 -8.92 -9.93
CA GLY A 25 1.80 -9.78 -8.88
C GLY A 25 2.72 -9.04 -7.92
N ARG A 26 2.51 -7.74 -7.78
CA ARG A 26 3.27 -6.92 -6.86
C ARG A 26 2.34 -6.32 -5.80
N PRO A 27 2.74 -6.38 -4.51
CA PRO A 27 1.97 -5.76 -3.44
C PRO A 27 2.36 -4.31 -3.20
N PHE A 28 1.39 -3.46 -3.41
CA PHE A 28 1.54 -2.04 -3.19
C PHE A 28 0.84 -1.66 -1.90
N PHE A 29 1.59 -1.09 -0.98
CA PHE A 29 1.09 -0.74 0.32
C PHE A 29 0.54 0.67 0.29
N ILE A 30 -0.73 0.80 0.55
CA ILE A 30 -1.38 2.08 0.49
C ILE A 30 -1.64 2.61 1.89
N ASP A 31 -1.38 3.88 2.06
CA ASP A 31 -1.76 4.60 3.25
C ASP A 31 -3.14 5.19 3.03
N HIS A 32 -4.11 4.64 3.73
CA HIS A 32 -5.50 5.00 3.55
C HIS A 32 -5.91 6.08 4.52
N ASN A 33 -4.95 6.55 5.32
CA ASN A 33 -5.23 7.64 6.26
C ASN A 33 -5.08 8.97 5.54
N THR A 34 -4.32 8.95 4.46
CA THR A 34 -4.10 10.15 3.67
C THR A 34 -4.24 9.84 2.16
N LYS A 35 -3.18 9.27 1.56
CA LYS A 35 -3.17 8.97 0.12
C LYS A 35 -1.80 8.45 -0.34
N THR A 36 -1.04 7.88 0.58
CA THR A 36 0.37 7.60 0.29
C THR A 36 0.51 6.21 -0.30
N THR A 37 1.53 6.03 -1.13
CA THR A 37 1.73 4.76 -1.80
C THR A 37 3.20 4.36 -1.85
N THR A 38 3.48 3.11 -1.51
CA THR A 38 4.85 2.60 -1.49
C THR A 38 4.85 1.10 -1.79
N TRP A 39 5.91 0.59 -2.40
CA TRP A 39 6.00 -0.85 -2.66
C TRP A 39 6.70 -1.55 -1.53
N GLU A 40 7.35 -0.77 -0.69
CA GLU A 40 8.16 -1.34 0.34
C GLU A 40 7.38 -1.47 1.64
N ASP A 41 7.83 -2.36 2.50
CA ASP A 41 7.02 -2.85 3.60
C ASP A 41 7.35 -2.11 4.91
N PRO A 42 6.31 -1.60 5.61
CA PRO A 42 6.50 -0.89 6.89
C PRO A 42 6.98 -1.82 8.01
N ARG A 43 6.91 -3.12 7.75
CA ARG A 43 7.42 -4.12 8.68
C ARG A 43 8.93 -4.24 8.56
N LEU A 44 9.45 -3.68 7.48
CA LEU A 44 10.88 -3.60 7.28
C LEU A 44 11.47 -2.46 8.09
N LYS A 45 10.58 -1.68 8.65
CA LYS A 45 10.94 -0.56 9.51
C LYS A 45 10.85 -0.99 10.97
N GLN B 4 7.01 2.03 -10.85
CA GLN B 4 6.49 3.41 -10.91
C GLN B 4 5.57 3.69 -9.75
N ILE B 5 5.04 4.90 -9.71
CA ILE B 5 4.11 5.34 -8.67
C ILE B 5 3.03 4.29 -8.40
N PRO B 6 2.97 3.76 -7.16
CA PRO B 6 1.93 2.81 -6.76
C PRO B 6 0.52 3.44 -6.82
N PRO B 7 -0.45 2.74 -7.42
CA PRO B 7 -1.85 3.20 -7.43
C PRO B 7 -2.44 3.40 -6.03
N PRO B 8 -2.95 4.60 -5.73
CA PRO B 8 -3.74 4.90 -4.59
C PRO B 8 -4.85 3.96 -4.36
N TYR B 9 -5.43 4.37 -3.34
CA TYR B 9 -6.58 3.70 -2.76
C TYR B 9 -7.87 4.31 -3.29
N VAL B 10 -8.73 3.48 -3.88
CA VAL B 10 -10.05 3.91 -4.30
C VAL B 10 -11.08 3.52 -3.25
N GLU B 11 -10.57 2.87 -2.21
CA GLU B 11 -11.40 2.37 -1.13
C GLU B 11 -10.70 2.59 0.20
N PRO B 12 -11.38 3.26 1.15
CA PRO B 12 -10.82 3.57 2.46
C PRO B 12 -10.63 2.32 3.32
N PHE A 12 0.39 -7.79 10.29
CA PHE A 12 0.41 -6.64 11.22
C PHE A 12 0.99 -5.41 10.54
N LEU A 13 0.10 -4.57 10.01
CA LEU A 13 0.49 -3.33 9.37
C LEU A 13 -0.14 -2.15 10.08
N PRO A 14 0.50 -0.97 10.02
CA PRO A 14 -0.08 0.28 10.48
C PRO A 14 -1.45 0.56 9.96
N LYS A 15 -2.13 1.28 10.78
CA LYS A 15 -3.56 1.53 10.57
C LYS A 15 -3.79 2.39 9.34
N GLY A 16 -4.67 1.91 8.49
CA GLY A 16 -4.93 2.54 7.21
C GLY A 16 -3.96 2.11 6.14
N TRP A 17 -2.97 1.30 6.52
CA TRP A 17 -2.03 0.75 5.56
C TRP A 17 -2.55 -0.57 5.01
N GLU A 18 -2.68 -0.64 3.71
CA GLU A 18 -3.24 -1.81 3.08
C GLU A 18 -2.31 -2.40 2.05
N VAL A 19 -2.30 -3.71 2.04
CA VAL A 19 -1.47 -4.48 1.14
C VAL A 19 -2.35 -5.19 0.12
N ARG A 20 -2.43 -4.64 -1.08
CA ARG A 20 -3.23 -5.26 -2.13
C ARG A 20 -2.33 -5.66 -3.29
N HIS A 21 -2.65 -6.77 -3.95
CA HIS A 21 -1.90 -7.19 -5.13
C HIS A 21 -2.54 -6.57 -6.37
N ALA A 22 -1.82 -5.69 -7.01
CA ALA A 22 -2.27 -5.06 -8.24
C ALA A 22 -2.21 -6.07 -9.40
N PRO A 23 -2.88 -5.78 -10.53
CA PRO A 23 -2.85 -6.65 -11.72
C PRO A 23 -1.44 -6.92 -12.24
N ASN A 24 -0.47 -6.21 -11.69
CA ASN A 24 0.93 -6.37 -12.05
C ASN A 24 1.49 -7.58 -11.32
N GLY A 25 0.69 -8.09 -10.38
CA GLY A 25 1.08 -9.24 -9.62
C GLY A 25 1.95 -8.86 -8.44
N ARG A 26 1.68 -7.69 -7.89
CA ARG A 26 2.52 -7.12 -6.83
C ARG A 26 1.66 -6.45 -5.77
N PRO A 27 2.11 -6.50 -4.50
CA PRO A 27 1.45 -5.81 -3.41
C PRO A 27 1.97 -4.39 -3.24
N PHE A 28 1.10 -3.46 -3.52
CA PHE A 28 1.39 -2.06 -3.30
C PHE A 28 0.72 -1.65 -1.99
N PHE A 29 1.53 -1.13 -1.09
CA PHE A 29 1.08 -0.78 0.23
C PHE A 29 0.57 0.64 0.24
N ILE A 30 -0.71 0.76 0.46
CA ILE A 30 -1.35 2.06 0.44
C ILE A 30 -1.53 2.58 1.83
N ASP A 31 -1.12 3.81 2.00
CA ASP A 31 -1.44 4.57 3.20
C ASP A 31 -2.73 5.31 2.96
N HIS A 32 -3.79 4.78 3.55
CA HIS A 32 -5.13 5.27 3.32
C HIS A 32 -5.41 6.50 4.19
N ASN A 33 -4.40 6.92 4.94
CA ASN A 33 -4.54 8.08 5.81
C ASN A 33 -4.16 9.36 5.07
N THR A 34 -3.03 9.32 4.36
CA THR A 34 -2.49 10.51 3.73
C THR A 34 -2.48 10.38 2.20
N LYS A 35 -3.12 9.34 1.68
CA LYS A 35 -3.26 9.14 0.22
C LYS A 35 -1.90 8.75 -0.40
N THR A 36 -0.97 8.28 0.43
CA THR A 36 0.38 8.02 -0.04
C THR A 36 0.56 6.53 -0.35
N THR A 37 1.43 6.22 -1.29
CA THR A 37 1.65 4.83 -1.68
C THR A 37 3.12 4.44 -1.59
N THR A 38 3.35 3.17 -1.32
CA THR A 38 4.69 2.64 -1.13
C THR A 38 4.75 1.18 -1.61
N TRP A 39 5.90 0.74 -2.12
CA TRP A 39 6.04 -0.66 -2.55
C TRP A 39 6.55 -1.51 -1.42
N GLU A 40 7.41 -0.91 -0.63
CA GLU A 40 8.14 -1.63 0.37
C GLU A 40 7.36 -1.69 1.67
N ASP A 41 7.74 -2.64 2.51
CA ASP A 41 6.90 -3.06 3.62
C ASP A 41 7.23 -2.27 4.89
N PRO A 42 6.23 -1.58 5.47
CA PRO A 42 6.42 -0.73 6.65
C PRO A 42 6.78 -1.51 7.92
N ARG A 43 6.63 -2.81 7.88
CA ARG A 43 7.01 -3.67 9.00
C ARG A 43 8.52 -3.86 9.00
N LEU A 44 9.12 -3.63 7.85
CA LEU A 44 10.56 -3.73 7.67
C LEU A 44 11.27 -2.56 8.30
N LYS A 45 10.50 -1.59 8.71
CA LYS A 45 11.03 -0.38 9.34
C LYS A 45 11.10 -0.57 10.85
N GLN B 4 7.94 2.94 -12.36
CA GLN B 4 7.42 2.36 -11.10
C GLN B 4 6.51 3.36 -10.39
N ILE B 5 5.27 2.98 -10.18
CA ILE B 5 4.30 3.85 -9.52
C ILE B 5 3.21 3.03 -8.84
N PRO B 6 3.06 3.17 -7.51
CA PRO B 6 1.97 2.55 -6.78
C PRO B 6 0.71 3.44 -6.75
N PRO B 7 -0.41 2.94 -7.29
CA PRO B 7 -1.71 3.64 -7.23
C PRO B 7 -2.25 3.79 -5.81
N PRO B 8 -2.61 5.01 -5.39
CA PRO B 8 -3.32 5.28 -4.20
C PRO B 8 -4.52 4.45 -3.99
N TYR B 9 -5.01 4.81 -2.92
CA TYR B 9 -6.18 4.18 -2.34
C TYR B 9 -7.45 4.65 -3.08
N VAL B 10 -8.17 3.71 -3.66
CA VAL B 10 -9.51 3.97 -4.17
C VAL B 10 -10.52 3.44 -3.17
N GLU B 11 -10.01 2.60 -2.28
CA GLU B 11 -10.80 2.01 -1.21
C GLU B 11 -10.62 2.83 0.05
N PRO B 12 -11.71 3.39 0.60
CA PRO B 12 -11.64 4.19 1.83
C PRO B 12 -11.28 3.34 3.05
N PHE A 12 0.77 -8.51 9.10
CA PHE A 12 0.13 -7.50 9.98
C PHE A 12 0.82 -6.15 9.84
N LEU A 13 0.09 -5.17 9.33
CA LEU A 13 0.63 -3.84 9.10
C LEU A 13 -0.12 -2.79 9.90
N PRO A 14 0.45 -1.59 10.04
CA PRO A 14 -0.22 -0.41 10.55
C PRO A 14 -1.54 -0.11 9.91
N LYS A 15 -2.33 0.51 10.73
CA LYS A 15 -3.72 0.79 10.41
C LYS A 15 -3.81 1.68 9.17
N GLY A 16 -4.79 1.39 8.33
CA GLY A 16 -4.95 2.10 7.07
C GLY A 16 -3.94 1.69 6.02
N TRP A 17 -2.95 0.88 6.39
CA TRP A 17 -1.96 0.40 5.44
C TRP A 17 -2.44 -0.90 4.83
N GLU A 18 -2.73 -0.85 3.55
CA GLU A 18 -3.28 -1.98 2.86
C GLU A 18 -2.29 -2.60 1.91
N VAL A 19 -2.41 -3.91 1.79
CA VAL A 19 -1.54 -4.69 0.92
C VAL A 19 -2.35 -5.27 -0.22
N ARG A 20 -2.26 -4.66 -1.39
CA ARG A 20 -2.99 -5.15 -2.54
C ARG A 20 -2.02 -5.58 -3.61
N HIS A 21 -2.37 -6.62 -4.33
CA HIS A 21 -1.49 -7.16 -5.37
C HIS A 21 -2.09 -6.80 -6.72
N ALA A 22 -1.44 -5.90 -7.44
CA ALA A 22 -1.92 -5.44 -8.73
C ALA A 22 -2.07 -6.63 -9.69
N PRO A 23 -2.86 -6.49 -10.76
CA PRO A 23 -3.08 -7.59 -11.72
C PRO A 23 -1.79 -8.13 -12.33
N ASN A 24 -0.72 -7.34 -12.24
CA ASN A 24 0.59 -7.75 -12.73
C ASN A 24 1.26 -8.66 -11.72
N GLY A 25 0.69 -8.68 -10.52
CA GLY A 25 1.21 -9.48 -9.46
C GLY A 25 2.27 -8.76 -8.65
N ARG A 26 2.06 -7.48 -8.44
CA ARG A 26 2.91 -6.68 -7.57
C ARG A 26 2.07 -6.09 -6.44
N PRO A 27 2.46 -6.29 -5.19
CA PRO A 27 1.74 -5.74 -4.05
C PRO A 27 2.24 -4.35 -3.68
N PHE A 28 1.33 -3.41 -3.79
CA PHE A 28 1.57 -2.03 -3.47
C PHE A 28 0.87 -1.71 -2.15
N PHE A 29 1.65 -1.25 -1.18
CA PHE A 29 1.14 -0.99 0.14
C PHE A 29 0.65 0.45 0.21
N ILE A 30 -0.65 0.60 0.39
CA ILE A 30 -1.26 1.91 0.38
C ILE A 30 -1.50 2.42 1.77
N ASP A 31 -1.21 3.68 1.96
CA ASP A 31 -1.61 4.37 3.18
C ASP A 31 -2.97 5.01 2.97
N HIS A 32 -3.95 4.51 3.67
CA HIS A 32 -5.33 4.96 3.51
C HIS A 32 -5.66 6.04 4.52
N ASN A 33 -4.65 6.46 5.30
CA ASN A 33 -4.84 7.52 6.28
C ASN A 33 -4.57 8.88 5.66
N THR A 34 -3.33 9.09 5.24
CA THR A 34 -2.90 10.38 4.72
C THR A 34 -2.73 10.32 3.20
N LYS A 35 -2.92 9.14 2.63
CA LYS A 35 -2.78 8.91 1.20
C LYS A 35 -1.32 8.99 0.76
N THR A 36 -0.63 7.86 0.88
CA THR A 36 0.72 7.71 0.36
C THR A 36 0.90 6.31 -0.18
N THR A 37 1.74 6.13 -1.19
CA THR A 37 1.90 4.83 -1.81
C THR A 37 3.36 4.39 -1.87
N THR A 38 3.59 3.12 -1.57
CA THR A 38 4.93 2.55 -1.61
C THR A 38 4.85 1.06 -1.96
N TRP A 39 5.87 0.52 -2.61
CA TRP A 39 5.89 -0.91 -2.94
C TRP A 39 6.55 -1.68 -1.82
N GLU A 40 7.17 -0.95 -0.91
CA GLU A 40 7.95 -1.57 0.13
C GLU A 40 7.19 -1.53 1.45
N ASP A 41 7.56 -2.43 2.34
CA ASP A 41 6.72 -2.73 3.51
C ASP A 41 7.10 -1.90 4.74
N PRO A 42 6.08 -1.37 5.43
CA PRO A 42 6.25 -0.62 6.67
C PRO A 42 6.62 -1.51 7.86
N ARG A 43 6.52 -2.82 7.67
CA ARG A 43 6.85 -3.78 8.74
C ARG A 43 8.36 -3.90 8.91
N LEU A 44 9.08 -3.75 7.80
CA LEU A 44 10.53 -3.86 7.81
C LEU A 44 11.19 -2.59 8.29
N LYS A 45 10.40 -1.56 8.44
CA LYS A 45 10.89 -0.26 8.88
C LYS A 45 11.46 -0.36 10.29
N GLN B 4 8.20 3.86 -10.93
CA GLN B 4 6.99 3.05 -10.68
C GLN B 4 6.10 3.74 -9.65
N ILE B 5 4.96 4.21 -10.10
CA ILE B 5 4.02 4.93 -9.24
C ILE B 5 2.91 3.99 -8.76
N PRO B 6 2.89 3.66 -7.46
CA PRO B 6 1.83 2.82 -6.88
C PRO B 6 0.47 3.52 -6.87
N PRO B 7 -0.58 2.88 -7.39
CA PRO B 7 -1.95 3.40 -7.32
C PRO B 7 -2.45 3.56 -5.88
N PRO B 8 -2.93 4.76 -5.52
CA PRO B 8 -3.62 5.03 -4.31
C PRO B 8 -4.72 4.09 -4.01
N TYR B 9 -5.21 4.48 -2.93
CA TYR B 9 -6.31 3.81 -2.27
C TYR B 9 -7.64 4.24 -2.90
N VAL B 10 -8.45 3.26 -3.27
CA VAL B 10 -9.79 3.53 -3.79
C VAL B 10 -10.82 3.08 -2.77
N GLU B 11 -10.34 2.33 -1.79
CA GLU B 11 -11.16 1.88 -0.68
C GLU B 11 -10.89 2.74 0.54
N PRO B 12 -11.83 3.63 0.89
CA PRO B 12 -11.66 4.56 2.01
C PRO B 12 -11.54 3.84 3.34
N PHE A 12 2.67 -5.29 14.30
CA PHE A 12 2.14 -5.39 12.93
C PHE A 12 2.33 -4.06 12.20
N LEU A 13 2.07 -4.04 10.90
CA LEU A 13 2.23 -2.83 10.12
C LEU A 13 1.12 -1.83 10.45
N PRO A 14 1.38 -0.53 10.24
CA PRO A 14 0.45 0.57 10.52
C PRO A 14 -0.94 0.44 9.98
N LYS A 15 -1.79 1.07 10.72
CA LYS A 15 -3.22 1.06 10.45
C LYS A 15 -3.55 1.87 9.22
N GLY A 16 -4.41 1.32 8.39
CA GLY A 16 -4.77 1.96 7.12
C GLY A 16 -3.75 1.66 6.05
N TRP A 17 -2.77 0.84 6.38
CA TRP A 17 -1.78 0.40 5.42
C TRP A 17 -2.21 -0.92 4.80
N GLU A 18 -2.55 -0.86 3.52
CA GLU A 18 -3.06 -2.00 2.80
C GLU A 18 -1.99 -2.66 1.97
N VAL A 19 -2.14 -3.95 1.80
CA VAL A 19 -1.27 -4.74 0.95
C VAL A 19 -2.08 -5.33 -0.18
N ARG A 20 -2.20 -4.62 -1.28
CA ARG A 20 -2.98 -5.12 -2.41
C ARG A 20 -2.05 -5.66 -3.49
N HIS A 21 -2.41 -6.82 -4.02
CA HIS A 21 -1.67 -7.40 -5.12
C HIS A 21 -2.29 -6.93 -6.44
N ALA A 22 -1.57 -6.08 -7.16
CA ALA A 22 -2.05 -5.55 -8.42
C ALA A 22 -2.26 -6.66 -9.44
N PRO A 23 -2.99 -6.40 -10.55
CA PRO A 23 -3.24 -7.41 -11.59
C PRO A 23 -1.96 -7.94 -12.24
N ASN A 24 -0.86 -7.23 -12.05
CA ASN A 24 0.44 -7.66 -12.53
C ASN A 24 1.03 -8.70 -11.58
N GLY A 25 0.43 -8.77 -10.39
CA GLY A 25 0.85 -9.72 -9.40
C GLY A 25 1.89 -9.17 -8.44
N ARG A 26 1.75 -7.90 -8.08
CA ARG A 26 2.66 -7.27 -7.13
C ARG A 26 1.88 -6.61 -6.00
N PRO A 27 2.35 -6.74 -4.76
CA PRO A 27 1.73 -6.07 -3.61
C PRO A 27 2.28 -4.67 -3.39
N PHE A 28 1.41 -3.70 -3.59
CA PHE A 28 1.72 -2.31 -3.32
C PHE A 28 1.01 -1.90 -2.05
N PHE A 29 1.78 -1.35 -1.12
CA PHE A 29 1.26 -1.03 0.19
C PHE A 29 0.73 0.39 0.18
N ILE A 30 -0.58 0.50 0.35
CA ILE A 30 -1.23 1.79 0.31
C ILE A 30 -1.40 2.35 1.69
N ASP A 31 -0.95 3.56 1.86
CA ASP A 31 -1.20 4.31 3.07
C ASP A 31 -2.48 5.11 2.90
N HIS A 32 -3.52 4.62 3.54
CA HIS A 32 -4.85 5.20 3.40
C HIS A 32 -5.02 6.38 4.36
N ASN A 33 -3.97 6.67 5.12
CA ASN A 33 -3.99 7.81 6.04
C ASN A 33 -3.54 9.07 5.31
N THR A 34 -2.26 9.13 4.96
CA THR A 34 -1.68 10.29 4.29
C THR A 34 -1.93 10.19 2.79
N LYS A 35 -2.54 9.08 2.38
CA LYS A 35 -2.95 8.85 0.99
C LYS A 35 -1.71 8.63 0.10
N THR A 36 -0.66 8.08 0.69
CA THR A 36 0.60 7.88 -0.01
C THR A 36 0.81 6.40 -0.34
N THR A 37 1.50 6.09 -1.42
CA THR A 37 1.69 4.70 -1.83
C THR A 37 3.17 4.33 -1.91
N THR A 38 3.50 3.11 -1.48
CA THR A 38 4.86 2.60 -1.53
C THR A 38 4.86 1.08 -1.70
N TRP A 39 5.89 0.55 -2.33
CA TRP A 39 5.97 -0.90 -2.57
C TRP A 39 6.66 -1.60 -1.42
N GLU A 40 7.22 -0.82 -0.51
CA GLU A 40 8.04 -1.37 0.53
C GLU A 40 7.22 -1.63 1.79
N ASP A 41 7.77 -2.45 2.69
CA ASP A 41 7.02 -2.94 3.83
C ASP A 41 7.23 -2.08 5.07
N PRO A 42 6.14 -1.47 5.58
CA PRO A 42 6.20 -0.69 6.83
C PRO A 42 6.44 -1.58 8.05
N ARG A 43 6.35 -2.89 7.83
CA ARG A 43 6.62 -3.86 8.89
C ARG A 43 8.11 -3.92 9.22
N LEU A 44 8.94 -3.58 8.25
CA LEU A 44 10.38 -3.57 8.43
C LEU A 44 10.83 -2.30 9.13
N LYS A 45 9.90 -1.37 9.26
CA LYS A 45 10.19 -0.05 9.78
C LYS A 45 8.96 0.54 10.45
N GLN B 4 8.30 3.96 -12.06
CA GLN B 4 7.76 3.31 -10.84
C GLN B 4 6.74 4.20 -10.16
N ILE B 5 5.50 3.74 -10.12
CA ILE B 5 4.42 4.50 -9.51
C ILE B 5 3.34 3.56 -8.96
N PRO B 6 3.18 3.53 -7.62
CA PRO B 6 2.17 2.70 -6.98
C PRO B 6 0.79 3.36 -6.93
N PRO B 7 -0.22 2.72 -7.54
CA PRO B 7 -1.61 3.20 -7.50
C PRO B 7 -2.17 3.33 -6.08
N PRO B 8 -2.78 4.47 -5.74
CA PRO B 8 -3.56 4.65 -4.58
C PRO B 8 -4.57 3.61 -4.32
N TYR B 9 -5.15 3.95 -3.27
CA TYR B 9 -6.22 3.19 -2.64
C TYR B 9 -7.54 3.39 -3.37
N VAL B 10 -8.32 2.33 -3.48
CA VAL B 10 -9.66 2.42 -4.03
C VAL B 10 -10.65 2.43 -2.87
N GLU B 11 -10.20 1.87 -1.75
CA GLU B 11 -10.97 1.83 -0.53
C GLU B 11 -10.55 2.98 0.36
N PRO B 12 -11.47 3.90 0.70
CA PRO B 12 -11.16 5.09 1.50
C PRO B 12 -10.48 4.74 2.83
N PHE A 12 -0.48 -6.94 12.42
CA PHE A 12 0.73 -6.28 12.97
C PHE A 12 1.22 -5.15 12.06
N LEU A 13 0.45 -4.82 11.03
CA LEU A 13 0.81 -3.71 10.16
C LEU A 13 -0.09 -2.51 10.47
N PRO A 14 0.45 -1.30 10.32
CA PRO A 14 -0.25 -0.03 10.62
C PRO A 14 -1.61 0.15 10.04
N LYS A 15 -2.34 0.91 10.80
CA LYS A 15 -3.74 1.20 10.55
C LYS A 15 -3.88 2.15 9.36
N GLY A 16 -4.75 1.79 8.44
CA GLY A 16 -4.89 2.55 7.20
C GLY A 16 -3.82 2.15 6.21
N TRP A 17 -3.29 0.96 6.36
CA TRP A 17 -2.35 0.41 5.41
C TRP A 17 -2.95 -0.80 4.72
N GLU A 18 -3.04 -0.73 3.40
CA GLU A 18 -3.71 -1.75 2.63
C GLU A 18 -2.76 -2.37 1.64
N VAL A 19 -2.81 -3.67 1.62
CA VAL A 19 -1.87 -4.46 0.84
C VAL A 19 -2.57 -5.07 -0.37
N ARG A 20 -2.56 -4.35 -1.47
CA ARG A 20 -3.25 -4.79 -2.67
C ARG A 20 -2.24 -5.42 -3.62
N HIS A 21 -2.68 -6.38 -4.42
CA HIS A 21 -1.77 -7.09 -5.32
C HIS A 21 -2.16 -6.77 -6.76
N ALA A 22 -1.29 -6.03 -7.43
CA ALA A 22 -1.52 -5.60 -8.80
C ALA A 22 -1.68 -6.81 -9.73
N PRO A 23 -2.22 -6.63 -10.95
CA PRO A 23 -2.45 -7.74 -11.89
C PRO A 23 -1.15 -8.45 -12.31
N ASN A 24 -0.02 -7.78 -12.10
CA ASN A 24 1.28 -8.38 -12.37
C ASN A 24 1.68 -9.26 -11.19
N GLY A 25 0.90 -9.14 -10.13
CA GLY A 25 1.14 -9.89 -8.92
C GLY A 25 2.17 -9.22 -8.04
N ARG A 26 2.03 -7.92 -7.87
CA ARG A 26 2.85 -7.16 -6.92
C ARG A 26 1.96 -6.48 -5.90
N PRO A 27 2.28 -6.62 -4.60
CA PRO A 27 1.55 -5.94 -3.55
C PRO A 27 2.12 -4.56 -3.26
N PHE A 28 1.27 -3.58 -3.51
CA PHE A 28 1.56 -2.20 -3.25
C PHE A 28 0.82 -1.76 -2.00
N PHE A 29 1.58 -1.33 -1.00
CA PHE A 29 1.02 -1.00 0.29
C PHE A 29 0.63 0.46 0.31
N ILE A 30 -0.64 0.70 0.56
CA ILE A 30 -1.18 2.03 0.51
C ILE A 30 -1.32 2.61 1.91
N ASP A 31 -0.89 3.85 2.05
CA ASP A 31 -1.17 4.61 3.26
C ASP A 31 -2.45 5.40 3.04
N HIS A 32 -3.45 5.13 3.85
CA HIS A 32 -4.78 5.69 3.64
C HIS A 32 -4.98 6.92 4.53
N ASN A 33 -3.92 7.29 5.23
CA ASN A 33 -3.92 8.46 6.10
C ASN A 33 -3.50 9.69 5.32
N THR A 34 -2.32 9.60 4.71
CA THR A 34 -1.76 10.70 3.94
C THR A 34 -1.81 10.38 2.44
N LYS A 35 -2.35 9.21 2.12
CA LYS A 35 -2.55 8.77 0.73
C LYS A 35 -1.22 8.64 -0.01
N THR A 36 -0.29 7.91 0.61
CA THR A 36 1.01 7.66 -0.02
C THR A 36 1.21 6.17 -0.23
N THR A 37 1.58 5.79 -1.43
CA THR A 37 1.73 4.38 -1.80
C THR A 37 3.20 3.99 -1.90
N THR A 38 3.52 2.79 -1.42
CA THR A 38 4.88 2.28 -1.48
C THR A 38 4.84 0.75 -1.58
N TRP A 39 5.75 0.16 -2.36
CA TRP A 39 5.75 -1.29 -2.56
C TRP A 39 6.45 -1.97 -1.42
N GLU A 40 7.40 -1.25 -0.87
CA GLU A 40 8.26 -1.76 0.16
C GLU A 40 7.56 -1.70 1.51
N ASP A 41 7.49 -2.86 2.14
CA ASP A 41 6.74 -3.08 3.38
C ASP A 41 7.10 -2.05 4.45
N PRO A 42 6.08 -1.50 5.12
CA PRO A 42 6.28 -0.62 6.29
C PRO A 42 6.92 -1.36 7.45
N ARG A 43 6.99 -2.68 7.30
CA ARG A 43 7.59 -3.56 8.29
C ARG A 43 9.10 -3.50 8.21
N LEU A 44 9.58 -2.91 7.14
CA LEU A 44 11.01 -2.71 6.92
C LEU A 44 11.51 -1.52 7.72
N LYS A 45 10.57 -0.78 8.26
CA LYS A 45 10.86 0.44 8.99
C LYS A 45 10.85 0.18 10.49
N GLN B 4 8.28 5.62 -10.59
CA GLN B 4 7.70 4.45 -9.92
C GLN B 4 6.70 4.91 -8.85
N ILE B 5 5.42 4.83 -9.18
CA ILE B 5 4.36 5.20 -8.24
C ILE B 5 3.19 4.21 -8.32
N PRO B 6 2.91 3.52 -7.21
CA PRO B 6 1.80 2.58 -7.15
C PRO B 6 0.44 3.26 -6.93
N PRO B 7 -0.59 2.80 -7.64
CA PRO B 7 -1.98 3.29 -7.47
C PRO B 7 -2.46 3.33 -6.02
N PRO B 8 -3.00 4.48 -5.56
CA PRO B 8 -3.78 4.61 -4.39
C PRO B 8 -4.88 3.63 -4.29
N TYR B 9 -5.46 3.88 -3.22
CA TYR B 9 -6.55 3.09 -2.70
C TYR B 9 -7.87 3.41 -3.42
N VAL B 10 -8.58 2.37 -3.83
CA VAL B 10 -9.89 2.54 -4.42
C VAL B 10 -10.96 2.52 -3.34
N GLU B 11 -10.57 2.04 -2.16
CA GLU B 11 -11.47 1.93 -1.03
C GLU B 11 -10.76 2.30 0.27
N PRO B 12 -11.31 3.28 1.00
CA PRO B 12 -10.81 3.68 2.31
C PRO B 12 -11.16 2.64 3.38
N PHE A 12 -0.18 -6.85 11.94
CA PHE A 12 0.92 -6.32 12.80
C PHE A 12 1.52 -5.06 12.19
N LEU A 13 0.93 -4.58 11.10
CA LEU A 13 1.39 -3.35 10.47
C LEU A 13 0.35 -2.25 10.68
N PRO A 14 0.76 -0.97 10.56
CA PRO A 14 -0.10 0.19 10.80
C PRO A 14 -1.43 0.17 10.13
N LYS A 15 -2.30 0.83 10.82
CA LYS A 15 -3.71 0.88 10.45
C LYS A 15 -3.89 1.77 9.22
N GLY A 16 -4.77 1.35 8.32
CA GLY A 16 -4.97 2.08 7.08
C GLY A 16 -3.91 1.75 6.05
N TRP A 17 -2.92 0.96 6.45
CA TRP A 17 -1.91 0.49 5.53
C TRP A 17 -2.35 -0.82 4.91
N GLU A 18 -2.67 -0.76 3.64
CA GLU A 18 -3.25 -1.89 2.96
C GLU A 18 -2.30 -2.55 2.01
N VAL A 19 -2.45 -3.86 1.95
CA VAL A 19 -1.64 -4.70 1.08
C VAL A 19 -2.52 -5.34 0.02
N ARG A 20 -2.42 -4.85 -1.21
CA ARG A 20 -3.21 -5.41 -2.29
C ARG A 20 -2.31 -5.76 -3.46
N HIS A 21 -2.68 -6.77 -4.21
CA HIS A 21 -1.89 -7.21 -5.36
C HIS A 21 -2.43 -6.55 -6.64
N ALA A 22 -1.59 -5.76 -7.28
CA ALA A 22 -1.93 -5.19 -8.58
C ALA A 22 -1.96 -6.31 -9.62
N PRO A 23 -2.59 -6.07 -10.79
CA PRO A 23 -2.77 -7.11 -11.82
C PRO A 23 -1.46 -7.71 -12.33
N ASN A 24 -0.34 -7.05 -12.03
CA ASN A 24 0.97 -7.55 -12.44
C ASN A 24 1.42 -8.63 -11.48
N GLY A 25 0.74 -8.73 -10.35
CA GLY A 25 1.06 -9.73 -9.37
C GLY A 25 1.94 -9.19 -8.25
N ARG A 26 1.82 -7.90 -7.97
CA ARG A 26 2.61 -7.27 -6.93
C ARG A 26 1.73 -6.59 -5.89
N PRO A 27 2.11 -6.68 -4.60
CA PRO A 27 1.41 -5.98 -3.53
C PRO A 27 1.95 -4.58 -3.32
N PHE A 28 1.09 -3.63 -3.61
CA PHE A 28 1.37 -2.24 -3.38
C PHE A 28 0.69 -1.82 -2.09
N PHE A 29 1.47 -1.27 -1.18
CA PHE A 29 0.96 -0.92 0.13
C PHE A 29 0.43 0.50 0.11
N ILE A 30 -0.86 0.61 0.26
CA ILE A 30 -1.51 1.89 0.22
C ILE A 30 -1.70 2.44 1.61
N ASP A 31 -1.32 3.67 1.77
CA ASP A 31 -1.59 4.40 3.00
C ASP A 31 -2.92 5.10 2.86
N HIS A 32 -3.92 4.56 3.55
CA HIS A 32 -5.28 5.07 3.47
C HIS A 32 -5.48 6.17 4.50
N ASN A 33 -4.41 6.49 5.22
CA ASN A 33 -4.44 7.53 6.24
C ASN A 33 -4.10 8.88 5.62
N THR A 34 -2.86 9.01 5.17
CA THR A 34 -2.33 10.27 4.67
C THR A 34 -2.30 10.28 3.15
N LYS A 35 -2.71 9.16 2.55
CA LYS A 35 -2.70 8.97 1.10
C LYS A 35 -1.25 8.95 0.59
N THR A 36 -0.67 7.76 0.63
CA THR A 36 0.70 7.54 0.22
C THR A 36 0.82 6.15 -0.39
N THR A 37 1.73 5.96 -1.33
CA THR A 37 1.85 4.66 -1.98
C THR A 37 3.30 4.20 -2.04
N THR A 38 3.54 2.96 -1.63
CA THR A 38 4.87 2.39 -1.61
C THR A 38 4.79 0.87 -1.84
N TRP A 39 5.82 0.27 -2.44
CA TRP A 39 5.83 -1.17 -2.69
C TRP A 39 6.42 -1.91 -1.51
N GLU A 40 7.02 -1.17 -0.60
CA GLU A 40 7.79 -1.78 0.45
C GLU A 40 7.02 -1.81 1.76
N ASP A 41 7.43 -2.72 2.63
CA ASP A 41 6.71 -3.02 3.86
C ASP A 41 7.09 -2.06 4.98
N PRO A 42 6.09 -1.42 5.60
CA PRO A 42 6.32 -0.51 6.74
C PRO A 42 6.94 -1.21 7.95
N ARG A 43 7.00 -2.53 7.89
CA ARG A 43 7.63 -3.33 8.94
C ARG A 43 9.15 -3.28 8.79
N LEU A 44 9.62 -2.93 7.59
CA LEU A 44 11.05 -2.82 7.32
C LEU A 44 11.60 -1.51 7.83
N LYS A 45 10.69 -0.65 8.22
CA LYS A 45 11.04 0.70 8.65
C LYS A 45 10.43 1.00 10.02
N GLN B 4 8.04 4.29 -11.71
CA GLN B 4 7.44 3.30 -10.81
C GLN B 4 6.70 4.01 -9.67
N ILE B 5 5.38 4.07 -9.82
CA ILE B 5 4.53 4.75 -8.84
C ILE B 5 3.33 3.86 -8.50
N PRO B 6 3.23 3.38 -7.25
CA PRO B 6 2.08 2.57 -6.80
C PRO B 6 0.77 3.35 -6.87
N PRO B 7 -0.25 2.80 -7.53
CA PRO B 7 -1.62 3.36 -7.53
C PRO B 7 -2.23 3.44 -6.13
N PRO B 8 -2.79 4.61 -5.75
CA PRO B 8 -3.60 4.79 -4.60
C PRO B 8 -4.69 3.81 -4.46
N TYR B 9 -5.29 4.14 -3.42
CA TYR B 9 -6.45 3.42 -2.89
C TYR B 9 -7.69 3.74 -3.74
N VAL B 10 -8.37 2.70 -4.20
CA VAL B 10 -9.63 2.87 -4.90
C VAL B 10 -10.78 2.84 -3.89
N GLU B 11 -10.41 2.67 -2.63
CA GLU B 11 -11.38 2.61 -1.55
C GLU B 11 -10.69 2.95 -0.22
N PRO B 12 -11.30 3.84 0.57
CA PRO B 12 -10.73 4.30 1.85
C PRO B 12 -10.74 3.22 2.93
N PHE A 12 -0.14 -7.80 11.73
CA PHE A 12 0.05 -6.48 12.38
C PHE A 12 0.44 -5.41 11.37
N LEU A 13 -0.55 -4.67 10.90
CA LEU A 13 -0.30 -3.54 10.01
C LEU A 13 -0.82 -2.26 10.63
N PRO A 14 -0.09 -1.14 10.49
CA PRO A 14 -0.57 0.19 10.82
C PRO A 14 -1.90 0.53 10.22
N LYS A 15 -2.53 1.38 10.96
CA LYS A 15 -3.91 1.76 10.70
C LYS A 15 -4.06 2.40 9.32
N GLY A 16 -4.87 1.79 8.47
CA GLY A 16 -5.10 2.32 7.14
C GLY A 16 -4.06 1.85 6.14
N TRP A 17 -3.17 0.96 6.56
CA TRP A 17 -2.20 0.38 5.65
C TRP A 17 -2.72 -0.91 5.06
N GLU A 18 -2.74 -0.96 3.74
CA GLU A 18 -3.32 -2.08 3.04
C GLU A 18 -2.35 -2.71 2.07
N VAL A 19 -2.52 -4.01 1.86
CA VAL A 19 -1.70 -4.76 0.93
C VAL A 19 -2.55 -5.33 -0.19
N ARG A 20 -2.42 -4.77 -1.37
CA ARG A 20 -3.15 -5.27 -2.52
C ARG A 20 -2.16 -5.76 -3.58
N HIS A 21 -2.47 -6.87 -4.23
CA HIS A 21 -1.64 -7.38 -5.31
C HIS A 21 -2.18 -6.85 -6.63
N ALA A 22 -1.41 -5.98 -7.27
CA ALA A 22 -1.79 -5.41 -8.55
C ALA A 22 -1.84 -6.52 -9.62
N PRO A 23 -2.51 -6.28 -10.76
CA PRO A 23 -2.67 -7.29 -11.82
C PRO A 23 -1.34 -7.83 -12.33
N ASN A 24 -0.25 -7.10 -12.10
CA ASN A 24 1.06 -7.52 -12.54
C ASN A 24 1.62 -8.55 -11.57
N GLY A 25 0.95 -8.68 -10.43
CA GLY A 25 1.33 -9.65 -9.44
C GLY A 25 2.23 -9.08 -8.37
N ARG A 26 2.12 -7.78 -8.14
CA ARG A 26 2.90 -7.12 -7.10
C ARG A 26 1.99 -6.53 -6.02
N PRO A 27 2.35 -6.71 -4.75
CA PRO A 27 1.62 -6.11 -3.64
C PRO A 27 2.15 -4.71 -3.31
N PHE A 28 1.29 -3.75 -3.53
CA PHE A 28 1.59 -2.37 -3.24
C PHE A 28 0.85 -1.97 -1.97
N PHE A 29 1.61 -1.48 -1.01
CA PHE A 29 1.07 -1.16 0.29
C PHE A 29 0.58 0.27 0.30
N ILE A 30 -0.71 0.42 0.44
CA ILE A 30 -1.34 1.72 0.38
C ILE A 30 -1.51 2.28 1.78
N ASP A 31 -1.11 3.52 1.92
CA ASP A 31 -1.42 4.28 3.10
C ASP A 31 -2.68 5.07 2.84
N HIS A 32 -3.76 4.61 3.45
CA HIS A 32 -5.09 5.15 3.19
C HIS A 32 -5.33 6.41 4.01
N ASN A 33 -4.34 6.79 4.82
CA ASN A 33 -4.47 7.98 5.66
C ASN A 33 -3.96 9.21 4.94
N THR A 34 -2.77 9.12 4.37
CA THR A 34 -2.13 10.26 3.72
C THR A 34 -2.17 10.12 2.20
N LYS A 35 -2.84 9.06 1.73
CA LYS A 35 -3.00 8.79 0.30
C LYS A 35 -1.65 8.46 -0.35
N THR A 36 -0.72 7.97 0.45
CA THR A 36 0.63 7.69 -0.03
C THR A 36 0.78 6.21 -0.34
N THR A 37 1.63 5.86 -1.30
CA THR A 37 1.77 4.47 -1.72
C THR A 37 3.23 4.06 -1.82
N THR A 38 3.50 2.80 -1.45
CA THR A 38 4.87 2.29 -1.42
C THR A 38 4.85 0.78 -1.70
N TRP A 39 5.92 0.25 -2.30
CA TRP A 39 5.93 -1.15 -2.75
C TRP A 39 6.41 -2.09 -1.66
N GLU A 40 7.12 -1.54 -0.71
CA GLU A 40 7.89 -2.36 0.20
C GLU A 40 7.40 -2.20 1.64
N ASP A 41 7.24 -3.35 2.29
CA ASP A 41 6.61 -3.48 3.61
C ASP A 41 6.97 -2.36 4.56
N PRO A 42 5.97 -1.82 5.28
CA PRO A 42 6.19 -0.85 6.35
C PRO A 42 6.94 -1.50 7.53
N ARG A 43 7.06 -2.81 7.47
CA ARG A 43 7.79 -3.58 8.47
C ARG A 43 9.29 -3.36 8.32
N LEU A 44 9.67 -2.85 7.15
CA LEU A 44 11.06 -2.55 6.86
C LEU A 44 11.47 -1.23 7.49
N LYS A 45 10.48 -0.53 7.97
CA LYS A 45 10.68 0.75 8.62
C LYS A 45 10.40 0.63 10.10
N GLN B 4 7.91 4.37 -11.40
CA GLN B 4 7.17 3.38 -10.58
C GLN B 4 6.37 4.07 -9.47
N ILE B 5 5.06 4.06 -9.60
CA ILE B 5 4.17 4.67 -8.62
C ILE B 5 3.01 3.72 -8.30
N PRO B 6 2.96 3.22 -7.06
CA PRO B 6 1.87 2.35 -6.61
C PRO B 6 0.52 3.10 -6.62
N PRO B 7 -0.49 2.52 -7.29
CA PRO B 7 -1.85 3.07 -7.29
C PRO B 7 -2.43 3.22 -5.88
N PRO B 8 -2.95 4.40 -5.52
CA PRO B 8 -3.70 4.64 -4.35
C PRO B 8 -4.78 3.68 -4.11
N TYR B 9 -5.33 4.03 -3.05
CA TYR B 9 -6.45 3.34 -2.45
C TYR B 9 -7.73 3.65 -3.21
N VAL B 10 -8.59 2.66 -3.33
CA VAL B 10 -9.90 2.84 -3.92
C VAL B 10 -10.95 2.65 -2.83
N GLU B 11 -10.47 2.13 -1.71
CA GLU B 11 -11.29 1.82 -0.58
C GLU B 11 -10.79 2.60 0.65
N PRO B 12 -11.66 3.43 1.25
CA PRO B 12 -11.30 4.23 2.43
C PRO B 12 -10.74 3.37 3.55
N PHE A 12 0.22 -6.92 12.32
CA PHE A 12 1.35 -6.12 12.83
C PHE A 12 1.64 -4.91 11.91
N LEU A 13 0.75 -4.65 10.97
CA LEU A 13 0.92 -3.51 10.07
C LEU A 13 0.17 -2.29 10.59
N PRO A 14 0.78 -1.11 10.44
CA PRO A 14 0.18 0.19 10.76
C PRO A 14 -1.18 0.44 10.21
N LYS A 15 -1.86 1.24 10.96
CA LYS A 15 -3.25 1.57 10.72
C LYS A 15 -3.39 2.41 9.45
N GLY A 16 -4.25 1.96 8.54
CA GLY A 16 -4.43 2.64 7.28
C GLY A 16 -3.42 2.19 6.25
N TRP A 17 -2.84 1.03 6.48
CA TRP A 17 -1.93 0.42 5.53
C TRP A 17 -2.55 -0.85 4.95
N GLU A 18 -2.80 -0.83 3.66
CA GLU A 18 -3.50 -1.92 3.00
C GLU A 18 -2.62 -2.53 1.94
N VAL A 19 -2.55 -3.81 2.02
CA VAL A 19 -1.69 -4.61 1.16
C VAL A 19 -2.50 -5.33 0.12
N ARG A 20 -2.36 -4.91 -1.12
CA ARG A 20 -3.12 -5.51 -2.18
C ARG A 20 -2.21 -5.84 -3.36
N HIS A 21 -2.53 -6.92 -4.05
CA HIS A 21 -1.76 -7.34 -5.21
C HIS A 21 -2.42 -6.77 -6.46
N ALA A 22 -1.73 -5.88 -7.13
CA ALA A 22 -2.23 -5.28 -8.35
C ALA A 22 -2.14 -6.28 -9.50
N PRO A 23 -2.81 -6.01 -10.64
CA PRO A 23 -2.72 -6.85 -11.85
C PRO A 23 -1.29 -7.03 -12.36
N ASN A 24 -0.37 -6.26 -11.79
CA ASN A 24 1.04 -6.34 -12.14
C ASN A 24 1.65 -7.52 -11.39
N GLY A 25 0.89 -8.04 -10.42
CA GLY A 25 1.35 -9.16 -9.64
C GLY A 25 2.11 -8.71 -8.40
N ARG A 26 2.08 -7.41 -8.15
CA ARG A 26 2.78 -6.83 -7.03
C ARG A 26 1.82 -6.32 -5.97
N PRO A 27 2.19 -6.44 -4.69
CA PRO A 27 1.44 -5.84 -3.60
C PRO A 27 1.93 -4.43 -3.31
N PHE A 28 1.01 -3.51 -3.52
CA PHE A 28 1.25 -2.12 -3.24
C PHE A 28 0.61 -1.78 -1.91
N PHE A 29 1.44 -1.30 -0.99
CA PHE A 29 1.00 -0.99 0.35
C PHE A 29 0.52 0.44 0.39
N ILE A 30 -0.76 0.60 0.60
CA ILE A 30 -1.39 1.89 0.50
C ILE A 30 -1.47 2.57 1.87
N ASP A 31 -1.16 3.85 1.87
CA ASP A 31 -1.37 4.71 3.01
C ASP A 31 -2.71 5.40 2.87
N HIS A 32 -3.61 5.05 3.77
CA HIS A 32 -5.00 5.49 3.71
C HIS A 32 -5.23 6.67 4.64
N ASN A 33 -4.17 7.09 5.33
CA ASN A 33 -4.25 8.23 6.23
C ASN A 33 -4.21 9.50 5.41
N THR A 34 -3.44 9.46 4.34
CA THR A 34 -3.33 10.57 3.42
C THR A 34 -3.67 10.13 2.00
N LYS A 35 -2.70 9.47 1.33
CA LYS A 35 -2.85 9.00 -0.05
C LYS A 35 -1.52 8.48 -0.59
N THR A 36 -0.69 7.98 0.31
CA THR A 36 0.69 7.64 -0.04
C THR A 36 0.77 6.21 -0.51
N THR A 37 1.71 5.90 -1.38
CA THR A 37 1.81 4.55 -1.91
C THR A 37 3.26 4.10 -2.02
N THR A 38 3.49 2.85 -1.67
CA THR A 38 4.83 2.26 -1.70
C THR A 38 4.73 0.75 -1.98
N TRP A 39 5.74 0.18 -2.62
CA TRP A 39 5.72 -1.26 -2.91
C TRP A 39 6.38 -2.05 -1.81
N GLU A 40 7.03 -1.36 -0.89
CA GLU A 40 7.87 -2.02 0.09
C GLU A 40 7.18 -2.11 1.44
N ASP A 41 7.67 -3.03 2.26
CA ASP A 41 7.01 -3.40 3.51
C ASP A 41 7.42 -2.49 4.65
N PRO A 42 6.43 -1.91 5.37
CA PRO A 42 6.69 -1.08 6.55
C PRO A 42 7.28 -1.88 7.71
N ARG A 43 7.29 -3.20 7.56
CA ARG A 43 7.87 -4.08 8.57
C ARG A 43 9.39 -4.11 8.44
N LEU A 44 9.90 -3.65 7.30
CA LEU A 44 11.34 -3.60 7.06
C LEU A 44 11.95 -2.38 7.74
N LYS A 45 11.06 -1.54 8.22
CA LYS A 45 11.43 -0.33 8.92
C LYS A 45 11.92 -0.66 10.33
N GLN B 4 8.15 3.32 -10.49
CA GLN B 4 6.78 2.75 -10.54
C GLN B 4 5.92 3.36 -9.44
N ILE B 5 4.81 3.99 -9.82
CA ILE B 5 3.93 4.64 -8.86
C ILE B 5 2.75 3.73 -8.52
N PRO B 6 2.64 3.28 -7.25
CA PRO B 6 1.52 2.48 -6.79
C PRO B 6 0.21 3.28 -6.74
N PRO B 7 -0.87 2.74 -7.33
CA PRO B 7 -2.22 3.32 -7.22
C PRO B 7 -2.73 3.40 -5.77
N PRO B 8 -3.29 4.55 -5.35
CA PRO B 8 -4.07 4.69 -4.18
C PRO B 8 -5.14 3.69 -4.02
N TYR B 9 -5.72 3.97 -2.96
CA TYR B 9 -6.82 3.20 -2.42
C TYR B 9 -8.14 3.60 -3.07
N VAL B 10 -9.11 2.70 -3.02
CA VAL B 10 -10.40 2.92 -3.63
C VAL B 10 -11.52 2.62 -2.61
N GLU B 11 -11.11 2.21 -1.42
CA GLU B 11 -12.05 1.87 -0.36
C GLU B 11 -12.59 3.14 0.29
N PRO B 12 -13.90 3.38 0.16
CA PRO B 12 -14.56 4.51 0.82
C PRO B 12 -14.54 4.36 2.34
N PHE A 12 -0.90 -7.14 10.40
CA PHE A 12 0.02 -6.66 11.47
C PHE A 12 0.62 -5.31 11.11
N LEU A 13 0.05 -4.64 10.11
CA LEU A 13 0.57 -3.35 9.66
C LEU A 13 -0.16 -2.18 10.32
N PRO A 14 0.48 -1.00 10.32
CA PRO A 14 -0.11 0.27 10.72
C PRO A 14 -1.44 0.60 10.11
N LYS A 15 -2.16 1.35 10.88
CA LYS A 15 -3.55 1.69 10.61
C LYS A 15 -3.68 2.46 9.29
N GLY A 16 -4.47 1.93 8.38
CA GLY A 16 -4.69 2.57 7.10
C GLY A 16 -3.67 2.15 6.06
N TRP A 17 -2.72 1.31 6.47
CA TRP A 17 -1.75 0.77 5.54
C TRP A 17 -2.26 -0.51 4.93
N GLU A 18 -2.47 -0.48 3.64
CA GLU A 18 -3.00 -1.62 2.93
C GLU A 18 -1.96 -2.28 2.08
N VAL A 19 -2.10 -3.57 1.95
CA VAL A 19 -1.22 -4.38 1.14
C VAL A 19 -2.03 -5.11 0.09
N ARG A 20 -2.17 -4.50 -1.08
CA ARG A 20 -2.96 -5.11 -2.11
C ARG A 20 -2.06 -5.64 -3.21
N HIS A 21 -2.51 -6.71 -3.85
CA HIS A 21 -1.70 -7.40 -4.85
C HIS A 21 -2.25 -7.05 -6.22
N ALA A 22 -1.49 -6.27 -6.98
CA ALA A 22 -1.88 -5.86 -8.31
C ALA A 22 -2.04 -7.07 -9.23
N PRO A 23 -2.70 -6.92 -10.39
CA PRO A 23 -2.94 -8.03 -11.32
C PRO A 23 -1.65 -8.70 -11.82
N ASN A 24 -0.53 -7.99 -11.70
CA ASN A 24 0.76 -8.53 -12.07
C ASN A 24 1.29 -9.41 -10.96
N GLY A 25 0.61 -9.37 -9.83
CA GLY A 25 0.97 -10.16 -8.70
C GLY A 25 1.99 -9.48 -7.81
N ARG A 26 1.78 -8.19 -7.58
CA ARG A 26 2.67 -7.43 -6.69
C ARG A 26 1.87 -6.67 -5.65
N PRO A 27 2.34 -6.70 -4.39
CA PRO A 27 1.70 -5.93 -3.30
C PRO A 27 2.24 -4.53 -3.19
N PHE A 28 1.35 -3.59 -3.44
CA PHE A 28 1.64 -2.19 -3.30
C PHE A 28 0.96 -1.68 -2.04
N PHE A 29 1.75 -1.10 -1.16
CA PHE A 29 1.26 -0.70 0.14
C PHE A 29 0.76 0.73 0.07
N ILE A 30 -0.51 0.90 0.35
CA ILE A 30 -1.12 2.20 0.31
C ILE A 30 -1.27 2.74 1.71
N ASP A 31 -0.80 3.96 1.90
CA ASP A 31 -1.08 4.67 3.12
C ASP A 31 -2.35 5.47 2.90
N HIS A 32 -3.42 4.97 3.47
CA HIS A 32 -4.74 5.52 3.26
C HIS A 32 -4.96 6.77 4.10
N ASN A 33 -3.96 7.11 4.92
CA ASN A 33 -3.99 8.33 5.71
C ASN A 33 -3.38 9.48 4.93
N THR A 34 -2.16 9.26 4.44
CA THR A 34 -1.38 10.32 3.79
C THR A 34 -1.52 10.27 2.27
N LYS A 35 -2.29 9.28 1.77
CA LYS A 35 -2.50 9.10 0.33
C LYS A 35 -1.20 8.73 -0.38
N THR A 36 -0.27 8.16 0.37
CA THR A 36 1.06 7.87 -0.15
C THR A 36 1.20 6.39 -0.46
N THR A 37 1.64 6.08 -1.67
CA THR A 37 1.78 4.70 -2.09
C THR A 37 3.25 4.30 -2.22
N THR A 38 3.57 3.11 -1.73
CA THR A 38 4.93 2.64 -1.71
C THR A 38 4.98 1.11 -1.83
N TRP A 39 6.03 0.58 -2.42
CA TRP A 39 6.16 -0.87 -2.57
C TRP A 39 6.95 -1.44 -1.42
N GLU A 40 7.50 -0.56 -0.61
CA GLU A 40 8.35 -1.01 0.47
C GLU A 40 7.52 -1.23 1.72
N ASP A 41 7.99 -2.13 2.55
CA ASP A 41 7.15 -2.73 3.59
C ASP A 41 7.44 -2.10 4.95
N PRO A 42 6.40 -1.65 5.65
CA PRO A 42 6.56 -1.01 6.97
C PRO A 42 7.09 -1.96 8.04
N ARG A 43 7.08 -3.26 7.77
CA ARG A 43 7.63 -4.24 8.70
C ARG A 43 9.14 -4.27 8.61
N LEU A 44 9.65 -3.72 7.51
CA LEU A 44 11.07 -3.61 7.26
C LEU A 44 11.69 -2.53 8.12
N LYS A 45 10.83 -1.77 8.75
CA LYS A 45 11.23 -0.71 9.64
C LYS A 45 11.42 -1.28 11.05
N GLN B 4 8.54 3.91 -9.41
CA GLN B 4 7.27 3.59 -10.10
C GLN B 4 6.10 3.82 -9.15
N ILE B 5 5.26 4.79 -9.48
CA ILE B 5 4.14 5.17 -8.62
C ILE B 5 3.09 4.05 -8.52
N PRO B 6 2.87 3.51 -7.30
CA PRO B 6 1.79 2.56 -7.05
C PRO B 6 0.42 3.25 -7.02
N PRO B 7 -0.60 2.63 -7.62
CA PRO B 7 -2.00 3.10 -7.54
C PRO B 7 -2.50 3.30 -6.11
N PRO B 8 -2.98 4.50 -5.77
CA PRO B 8 -3.70 4.78 -4.58
C PRO B 8 -4.80 3.85 -4.26
N TYR B 9 -5.29 4.27 -3.20
CA TYR B 9 -6.42 3.63 -2.53
C TYR B 9 -7.72 4.02 -3.22
N VAL B 10 -8.57 3.04 -3.50
CA VAL B 10 -9.85 3.28 -4.12
C VAL B 10 -10.97 3.04 -3.13
N GLU B 11 -10.62 2.46 -1.99
CA GLU B 11 -11.57 2.16 -0.94
C GLU B 11 -12.04 3.45 -0.26
N PRO B 12 -13.34 3.75 -0.38
CA PRO B 12 -13.93 4.98 0.17
C PRO B 12 -14.03 4.94 1.69
N PHE A 12 -1.65 -7.34 11.44
CA PHE A 12 -0.38 -6.96 12.11
C PHE A 12 0.14 -5.64 11.56
N LEU A 13 -0.58 -5.05 10.63
CA LEU A 13 -0.15 -3.83 9.98
C LEU A 13 -0.48 -2.59 10.78
N PRO A 14 0.35 -1.57 10.66
CA PRO A 14 0.01 -0.20 11.01
C PRO A 14 -1.28 0.27 10.44
N LYS A 15 -1.83 1.15 11.19
CA LYS A 15 -3.19 1.65 10.94
C LYS A 15 -3.29 2.27 9.56
N GLY A 16 -4.21 1.76 8.75
CA GLY A 16 -4.45 2.32 7.43
C GLY A 16 -3.47 1.80 6.39
N TRP A 17 -2.68 0.82 6.75
CA TRP A 17 -1.76 0.21 5.80
C TRP A 17 -2.42 -0.96 5.08
N GLU A 18 -2.14 -1.06 3.80
CA GLU A 18 -2.75 -2.06 2.96
C GLU A 18 -1.69 -2.80 2.17
N VAL A 19 -2.00 -4.03 1.88
CA VAL A 19 -1.16 -4.87 1.06
C VAL A 19 -2.02 -5.52 0.00
N ARG A 20 -2.14 -4.86 -1.15
CA ARG A 20 -2.99 -5.39 -2.19
C ARG A 20 -2.13 -5.70 -3.42
N HIS A 21 -2.52 -6.72 -4.15
CA HIS A 21 -1.82 -7.10 -5.37
C HIS A 21 -2.49 -6.46 -6.56
N ALA A 22 -1.76 -5.63 -7.28
CA ALA A 22 -2.25 -5.03 -8.51
C ALA A 22 -2.35 -6.11 -9.59
N PRO A 23 -3.07 -5.85 -10.70
CA PRO A 23 -3.26 -6.83 -11.79
C PRO A 23 -1.93 -7.30 -12.39
N ASN A 24 -0.84 -6.61 -12.06
CA ASN A 24 0.49 -6.99 -12.52
C ASN A 24 1.03 -8.12 -11.67
N GLY A 25 0.41 -8.32 -10.52
CA GLY A 25 0.79 -9.39 -9.64
C GLY A 25 1.72 -8.94 -8.53
N ARG A 26 1.68 -7.66 -8.21
CA ARG A 26 2.54 -7.10 -7.18
C ARG A 26 1.74 -6.42 -6.08
N PRO A 27 2.21 -6.53 -4.82
CA PRO A 27 1.57 -5.87 -3.69
C PRO A 27 2.12 -4.48 -3.46
N PHE A 28 1.20 -3.54 -3.53
CA PHE A 28 1.49 -2.15 -3.28
C PHE A 28 0.88 -1.77 -1.94
N PHE A 29 1.71 -1.29 -1.05
CA PHE A 29 1.29 -0.98 0.30
C PHE A 29 0.79 0.45 0.35
N ILE A 30 -0.49 0.60 0.61
CA ILE A 30 -1.10 1.91 0.63
C ILE A 30 -1.21 2.43 2.04
N ASP A 31 -0.86 3.68 2.19
CA ASP A 31 -1.11 4.41 3.42
C ASP A 31 -2.38 5.22 3.27
N HIS A 32 -3.42 4.77 3.95
CA HIS A 32 -4.75 5.32 3.81
C HIS A 32 -4.94 6.51 4.75
N ASN A 33 -3.90 6.84 5.50
CA ASN A 33 -3.94 7.97 6.43
C ASN A 33 -3.48 9.24 5.74
N THR A 34 -2.19 9.29 5.39
CA THR A 34 -1.61 10.44 4.73
C THR A 34 -1.81 10.34 3.22
N LYS A 35 -2.36 9.20 2.80
CA LYS A 35 -2.77 8.95 1.43
C LYS A 35 -1.54 8.74 0.54
N THR A 36 -0.49 8.15 1.12
CA THR A 36 0.76 7.94 0.39
C THR A 36 0.89 6.49 -0.05
N THR A 37 1.57 6.24 -1.16
CA THR A 37 1.71 4.88 -1.67
C THR A 37 3.19 4.47 -1.79
N THR A 38 3.46 3.20 -1.48
CA THR A 38 4.81 2.67 -1.54
C THR A 38 4.77 1.17 -1.88
N TRP A 39 5.80 0.66 -2.55
CA TRP A 39 5.85 -0.77 -2.89
C TRP A 39 6.53 -1.56 -1.79
N GLU A 40 7.22 -0.86 -0.91
CA GLU A 40 8.13 -1.51 -0.01
C GLU A 40 7.51 -1.70 1.38
N ASP A 41 8.10 -2.62 2.13
CA ASP A 41 7.49 -3.14 3.34
C ASP A 41 7.84 -2.31 4.56
N PRO A 42 6.84 -2.03 5.42
CA PRO A 42 7.04 -1.31 6.68
C PRO A 42 7.88 -2.11 7.68
N ARG A 43 8.12 -3.38 7.37
CA ARG A 43 8.96 -4.23 8.22
C ARG A 43 10.43 -3.89 8.03
N LEU A 44 10.73 -3.10 7.01
CA LEU A 44 12.09 -2.63 6.76
C LEU A 44 12.41 -1.44 7.67
N LYS A 45 11.37 -0.97 8.32
CA LYS A 45 11.44 0.25 9.12
C LYS A 45 11.27 -0.10 10.59
N GLN B 4 7.53 2.29 -11.93
CA GLN B 4 6.83 1.73 -10.75
C GLN B 4 6.09 2.83 -10.00
N ILE B 5 4.82 3.00 -10.33
CA ILE B 5 3.99 3.99 -9.67
C ILE B 5 2.92 3.27 -8.84
N PRO B 6 2.99 3.34 -7.50
CA PRO B 6 2.00 2.69 -6.64
C PRO B 6 0.65 3.39 -6.69
N PRO B 7 -0.42 2.69 -7.12
CA PRO B 7 -1.78 3.23 -7.10
C PRO B 7 -2.31 3.40 -5.69
N PRO B 8 -2.97 4.54 -5.39
CA PRO B 8 -3.74 4.75 -4.23
C PRO B 8 -4.71 3.69 -3.92
N TYR B 9 -5.28 4.05 -2.89
CA TYR B 9 -6.34 3.29 -2.23
C TYR B 9 -7.64 3.45 -3.01
N VAL B 10 -8.31 2.34 -3.29
CA VAL B 10 -9.49 2.35 -4.13
C VAL B 10 -10.73 2.00 -3.30
N GLU B 11 -10.78 2.54 -2.09
CA GLU B 11 -11.94 2.36 -1.23
C GLU B 11 -12.54 3.73 -0.92
N PRO B 12 -13.80 3.95 -1.31
CA PRO B 12 -14.51 5.20 -1.03
C PRO B 12 -14.58 5.50 0.46
N PHE A 12 -0.98 -7.10 11.82
CA PHE A 12 0.25 -6.63 12.49
C PHE A 12 0.88 -5.47 11.72
N LEU A 13 0.13 -4.91 10.77
CA LEU A 13 0.55 -3.73 10.04
C LEU A 13 -0.19 -2.50 10.54
N PRO A 14 0.41 -1.31 10.41
CA PRO A 14 -0.21 -0.04 10.78
C PRO A 14 -1.59 0.18 10.23
N LYS A 15 -2.28 0.94 11.01
CA LYS A 15 -3.70 1.18 10.83
C LYS A 15 -3.96 1.91 9.51
N GLY A 16 -4.74 1.28 8.64
CA GLY A 16 -5.07 1.88 7.37
C GLY A 16 -4.10 1.48 6.27
N TRP A 17 -3.10 0.68 6.63
CA TRP A 17 -2.14 0.21 5.65
C TRP A 17 -2.61 -1.10 5.02
N GLU A 18 -2.88 -1.03 3.73
CA GLU A 18 -3.38 -2.18 2.99
C GLU A 18 -2.30 -2.82 2.15
N VAL A 19 -2.45 -4.10 1.96
CA VAL A 19 -1.59 -4.87 1.08
C VAL A 19 -2.45 -5.48 -0.02
N ARG A 20 -2.40 -4.90 -1.21
CA ARG A 20 -3.21 -5.40 -2.31
C ARG A 20 -2.32 -5.69 -3.52
N HIS A 21 -2.68 -6.70 -4.28
CA HIS A 21 -1.88 -7.10 -5.43
C HIS A 21 -2.46 -6.47 -6.70
N ALA A 22 -1.67 -5.65 -7.37
CA ALA A 22 -2.07 -5.07 -8.63
C ALA A 22 -2.06 -6.15 -9.71
N PRO A 23 -2.76 -5.93 -10.84
CA PRO A 23 -2.84 -6.94 -11.92
C PRO A 23 -1.47 -7.30 -12.52
N ASN A 24 -0.44 -6.55 -12.15
CA ASN A 24 0.91 -6.84 -12.60
C ASN A 24 1.51 -7.95 -11.73
N GLY A 25 0.84 -8.23 -10.63
CA GLY A 25 1.26 -9.29 -9.75
C GLY A 25 2.03 -8.79 -8.54
N ARG A 26 2.02 -7.48 -8.32
CA ARG A 26 2.74 -6.88 -7.21
C ARG A 26 1.78 -6.32 -6.16
N PRO A 27 2.12 -6.48 -4.88
CA PRO A 27 1.37 -5.87 -3.78
C PRO A 27 1.88 -4.48 -3.46
N PHE A 28 1.02 -3.52 -3.70
CA PHE A 28 1.31 -2.14 -3.38
C PHE A 28 0.63 -1.81 -2.06
N PHE A 29 1.42 -1.34 -1.11
CA PHE A 29 0.94 -1.07 0.22
C PHE A 29 0.42 0.35 0.31
N ILE A 30 -0.85 0.48 0.59
CA ILE A 30 -1.48 1.78 0.61
C ILE A 30 -1.72 2.27 2.01
N ASP A 31 -1.39 3.51 2.24
CA ASP A 31 -1.78 4.21 3.45
C ASP A 31 -3.12 4.87 3.20
N HIS A 32 -4.12 4.42 3.92
CA HIS A 32 -5.48 4.87 3.69
C HIS A 32 -5.82 6.04 4.63
N ASN A 33 -4.84 6.50 5.38
CA ASN A 33 -5.03 7.65 6.28
C ASN A 33 -4.73 8.95 5.55
N THR A 34 -3.47 9.10 5.13
CA THR A 34 -3.01 10.35 4.55
C THR A 34 -2.72 10.18 3.06
N LYS A 35 -2.99 8.97 2.56
CA LYS A 35 -2.75 8.60 1.17
C LYS A 35 -1.25 8.59 0.88
N THR A 36 -0.66 7.41 1.04
CA THR A 36 0.75 7.19 0.77
C THR A 36 0.89 5.82 0.12
N THR A 37 1.89 5.65 -0.72
CA THR A 37 2.03 4.39 -1.44
C THR A 37 3.48 3.92 -1.49
N THR A 38 3.68 2.63 -1.24
CA THR A 38 5.00 2.04 -1.25
C THR A 38 4.90 0.56 -1.67
N TRP A 39 5.93 0.02 -2.31
CA TRP A 39 5.94 -1.40 -2.68
C TRP A 39 6.55 -2.21 -1.58
N GLU A 40 7.31 -1.53 -0.75
CA GLU A 40 8.16 -2.16 0.22
C GLU A 40 7.55 -2.06 1.61
N ASP A 41 7.48 -3.22 2.25
CA ASP A 41 6.75 -3.42 3.51
C ASP A 41 7.16 -2.39 4.57
N PRO A 42 6.18 -1.74 5.21
CA PRO A 42 6.44 -0.75 6.26
C PRO A 42 6.99 -1.39 7.53
N ARG A 43 6.97 -2.71 7.57
CA ARG A 43 7.50 -3.46 8.70
C ARG A 43 9.02 -3.50 8.63
N LEU A 44 9.54 -3.32 7.43
CA LEU A 44 10.98 -3.22 7.22
C LEU A 44 11.51 -1.89 7.74
N LYS A 45 10.59 -1.03 8.07
CA LYS A 45 10.91 0.27 8.63
C LYS A 45 10.89 0.21 10.15
N GLN B 4 5.68 0.81 -11.71
CA GLN B 4 6.34 2.08 -11.37
C GLN B 4 5.33 3.06 -10.79
N ILE B 5 5.64 3.61 -9.62
CA ILE B 5 4.74 4.51 -8.91
C ILE B 5 3.51 3.76 -8.38
N PRO B 6 3.48 3.48 -7.07
CA PRO B 6 2.34 2.81 -6.45
C PRO B 6 1.09 3.70 -6.42
N PRO B 7 -0.03 3.17 -6.93
CA PRO B 7 -1.31 3.90 -6.96
C PRO B 7 -2.05 3.83 -5.62
N PRO B 8 -2.57 4.98 -5.14
CA PRO B 8 -3.42 5.08 -4.00
C PRO B 8 -4.54 4.14 -3.96
N TYR B 9 -5.15 4.39 -2.90
CA TYR B 9 -6.31 3.64 -2.45
C TYR B 9 -7.52 3.96 -3.35
N VAL B 10 -8.07 2.93 -3.99
CA VAL B 10 -9.27 3.09 -4.79
C VAL B 10 -10.50 3.10 -3.88
N GLU B 11 -10.29 2.68 -2.64
CA GLU B 11 -11.34 2.64 -1.65
C GLU B 11 -10.75 2.87 -0.26
N PRO B 12 -11.39 3.71 0.54
CA PRO B 12 -10.96 3.98 1.92
C PRO B 12 -10.99 2.72 2.78
N PHE A 12 0.27 -7.28 11.40
CA PHE A 12 0.97 -6.45 12.42
C PHE A 12 1.38 -5.11 11.82
N LEU A 13 0.89 -4.82 10.63
CA LEU A 13 1.17 -3.56 9.96
C LEU A 13 0.30 -2.45 10.53
N PRO A 14 0.79 -1.20 10.48
CA PRO A 14 0.06 -0.01 10.87
C PRO A 14 -1.30 0.13 10.27
N LYS A 15 -2.08 0.80 11.04
CA LYS A 15 -3.51 0.97 10.76
C LYS A 15 -3.69 1.79 9.49
N GLY A 16 -4.63 1.35 8.67
CA GLY A 16 -4.92 2.02 7.41
C GLY A 16 -3.90 1.69 6.34
N TRP A 17 -2.90 0.89 6.68
CA TRP A 17 -1.92 0.45 5.69
C TRP A 17 -2.39 -0.85 5.07
N GLU A 18 -2.88 -0.73 3.85
CA GLU A 18 -3.48 -1.86 3.14
C GLU A 18 -2.49 -2.52 2.22
N VAL A 19 -2.63 -3.82 2.10
CA VAL A 19 -1.75 -4.63 1.26
C VAL A 19 -2.55 -5.29 0.15
N ARG A 20 -2.66 -4.62 -0.99
CA ARG A 20 -3.40 -5.18 -2.10
C ARG A 20 -2.44 -5.69 -3.18
N HIS A 21 -2.70 -6.88 -3.69
CA HIS A 21 -1.91 -7.43 -4.77
C HIS A 21 -2.55 -7.02 -6.10
N ALA A 22 -1.93 -6.10 -6.81
CA ALA A 22 -2.46 -5.60 -8.08
C ALA A 22 -2.54 -6.74 -9.11
N PRO A 23 -3.28 -6.55 -10.22
CA PRO A 23 -3.46 -7.58 -11.25
C PRO A 23 -2.13 -8.06 -11.86
N ASN A 24 -1.07 -7.28 -11.67
CA ASN A 24 0.25 -7.64 -12.16
C ASN A 24 0.88 -8.64 -11.19
N GLY A 25 0.24 -8.77 -10.04
CA GLY A 25 0.70 -9.66 -9.01
C GLY A 25 1.74 -9.02 -8.11
N ARG A 26 1.53 -7.75 -7.80
CA ARG A 26 2.39 -7.05 -6.86
C ARG A 26 1.56 -6.41 -5.77
N PRO A 27 1.97 -6.56 -4.50
CA PRO A 27 1.28 -5.95 -3.38
C PRO A 27 1.80 -4.55 -3.10
N PHE A 28 0.97 -3.59 -3.46
CA PHE A 28 1.26 -2.19 -3.21
C PHE A 28 0.54 -1.76 -1.95
N PHE A 29 1.33 -1.25 -1.02
CA PHE A 29 0.82 -0.90 0.29
C PHE A 29 0.33 0.53 0.28
N ILE A 30 -0.95 0.69 0.53
CA ILE A 30 -1.57 1.99 0.51
C ILE A 30 -1.82 2.51 1.90
N ASP A 31 -1.51 3.76 2.10
CA ASP A 31 -1.86 4.46 3.32
C ASP A 31 -3.22 5.08 3.15
N HIS A 32 -4.16 4.61 3.96
CA HIS A 32 -5.55 5.02 3.87
C HIS A 32 -5.89 5.99 4.99
N ASN A 33 -4.89 6.39 5.76
CA ASN A 33 -5.09 7.34 6.85
C ASN A 33 -5.03 8.76 6.31
N THR A 34 -4.26 8.93 5.27
CA THR A 34 -4.11 10.20 4.61
C THR A 34 -4.08 10.00 3.10
N LYS A 35 -2.97 9.45 2.61
CA LYS A 35 -2.80 9.05 1.21
C LYS A 35 -1.31 8.88 0.89
N THR A 36 -0.90 7.65 0.82
CA THR A 36 0.50 7.30 0.55
C THR A 36 0.55 5.96 -0.16
N THR A 37 1.56 5.76 -0.97
CA THR A 37 1.71 4.49 -1.68
C THR A 37 3.17 4.06 -1.75
N THR A 38 3.41 2.80 -1.43
CA THR A 38 4.76 2.24 -1.44
C THR A 38 4.72 0.75 -1.77
N TRP A 39 5.77 0.23 -2.40
CA TRP A 39 5.83 -1.20 -2.70
C TRP A 39 6.55 -1.94 -1.60
N GLU A 40 7.19 -1.19 -0.71
CA GLU A 40 8.03 -1.79 0.30
C GLU A 40 7.28 -1.88 1.62
N ASP A 41 7.77 -2.75 2.49
CA ASP A 41 7.05 -3.08 3.71
C ASP A 41 7.47 -2.20 4.87
N PRO A 42 6.50 -1.54 5.52
CA PRO A 42 6.74 -0.70 6.70
C PRO A 42 7.32 -1.51 7.87
N ARG A 43 7.32 -2.84 7.72
CA ARG A 43 7.82 -3.75 8.76
C ARG A 43 9.29 -3.48 9.07
N LEU A 44 10.00 -2.95 8.08
CA LEU A 44 11.41 -2.68 8.22
C LEU A 44 11.65 -1.39 8.99
N LYS A 45 10.59 -0.67 9.20
CA LYS A 45 10.65 0.65 9.80
C LYS A 45 9.90 0.66 11.13
N GLN B 4 8.39 2.81 -10.91
CA GLN B 4 7.09 2.20 -10.63
C GLN B 4 6.32 2.99 -9.57
N ILE B 5 5.23 3.62 -9.99
CA ILE B 5 4.41 4.42 -9.08
C ILE B 5 3.23 3.59 -8.58
N PRO B 6 3.12 3.35 -7.25
CA PRO B 6 2.00 2.63 -6.68
C PRO B 6 0.70 3.45 -6.71
N PRO B 7 -0.36 2.92 -7.36
CA PRO B 7 -1.69 3.54 -7.34
C PRO B 7 -2.30 3.59 -5.94
N PRO B 8 -2.72 4.78 -5.48
CA PRO B 8 -3.50 4.96 -4.31
C PRO B 8 -4.68 4.10 -4.22
N TYR B 9 -5.24 4.39 -3.14
CA TYR B 9 -6.45 3.75 -2.66
C TYR B 9 -7.65 4.22 -3.49
N VAL B 10 -8.40 3.27 -4.01
CA VAL B 10 -9.60 3.59 -4.77
C VAL B 10 -10.82 3.19 -3.94
N GLU B 11 -10.54 2.60 -2.79
CA GLU B 11 -11.56 2.19 -1.84
C GLU B 11 -12.00 3.40 -1.01
N PRO B 12 -13.23 3.88 -1.22
CA PRO B 12 -13.78 5.00 -0.49
C PRO B 12 -14.67 4.53 0.67
N PHE A 12 1.23 -8.07 11.08
CA PHE A 12 0.79 -6.79 11.65
C PHE A 12 1.15 -5.63 10.73
N LEU A 13 0.14 -4.92 10.27
CA LEU A 13 0.34 -3.73 9.46
C LEU A 13 -0.29 -2.52 10.15
N PRO A 14 0.39 -1.37 10.09
CA PRO A 14 -0.17 -0.10 10.53
C PRO A 14 -1.52 0.22 10.00
N LYS A 15 -2.19 0.96 10.81
CA LYS A 15 -3.60 1.31 10.62
C LYS A 15 -3.80 2.07 9.31
N GLY A 16 -4.68 1.55 8.47
CA GLY A 16 -4.96 2.16 7.18
C GLY A 16 -3.99 1.73 6.10
N TRP A 17 -3.03 0.90 6.46
CA TRP A 17 -2.08 0.38 5.49
C TRP A 17 -2.61 -0.91 4.87
N GLU A 18 -2.82 -0.88 3.58
CA GLU A 18 -3.41 -2.00 2.87
C GLU A 18 -2.40 -2.65 1.95
N VAL A 19 -2.58 -3.95 1.77
CA VAL A 19 -1.74 -4.73 0.88
C VAL A 19 -2.58 -5.27 -0.26
N ARG A 20 -2.39 -4.74 -1.45
CA ARG A 20 -3.13 -5.21 -2.59
C ARG A 20 -2.18 -5.65 -3.69
N HIS A 21 -2.55 -6.69 -4.39
CA HIS A 21 -1.72 -7.24 -5.45
C HIS A 21 -2.29 -6.77 -6.78
N ALA A 22 -1.58 -5.88 -7.46
CA ALA A 22 -2.02 -5.35 -8.74
C ALA A 22 -2.13 -6.48 -9.76
N PRO A 23 -2.86 -6.28 -10.87
CA PRO A 23 -3.06 -7.32 -11.89
C PRO A 23 -1.76 -7.88 -12.48
N ASN A 24 -0.67 -7.12 -12.33
CA ASN A 24 0.63 -7.56 -12.80
C ASN A 24 1.24 -8.54 -11.81
N GLY A 25 0.59 -8.63 -10.65
CA GLY A 25 1.02 -9.54 -9.62
C GLY A 25 2.03 -8.92 -8.69
N ARG A 26 1.96 -7.61 -8.51
CA ARG A 26 2.80 -6.91 -7.56
C ARG A 26 1.92 -6.30 -6.46
N PRO A 27 2.27 -6.51 -5.18
CA PRO A 27 1.54 -5.92 -4.07
C PRO A 27 2.07 -4.54 -3.70
N PHE A 28 1.22 -3.56 -3.87
CA PHE A 28 1.49 -2.19 -3.53
C PHE A 28 0.76 -1.83 -2.25
N PHE A 29 1.53 -1.38 -1.27
CA PHE A 29 1.01 -1.10 0.05
C PHE A 29 0.54 0.34 0.11
N ILE A 30 -0.73 0.53 0.40
CA ILE A 30 -1.33 1.85 0.38
C ILE A 30 -1.58 2.37 1.78
N ASP A 31 -1.26 3.63 1.98
CA ASP A 31 -1.64 4.36 3.17
C ASP A 31 -2.98 5.02 2.92
N HIS A 32 -3.99 4.52 3.61
CA HIS A 32 -5.37 4.95 3.41
C HIS A 32 -5.74 6.06 4.39
N ASN A 33 -4.79 6.44 5.23
CA ASN A 33 -5.02 7.52 6.19
C ASN A 33 -4.85 8.84 5.47
N THR A 34 -3.92 8.86 4.53
CA THR A 34 -3.70 10.05 3.73
C THR A 34 -3.82 9.73 2.24
N LYS A 35 -2.72 9.30 1.60
CA LYS A 35 -2.65 9.16 0.13
C LYS A 35 -1.34 8.48 -0.27
N THR A 36 -0.72 7.76 0.65
CA THR A 36 0.65 7.30 0.43
C THR A 36 0.66 5.94 -0.24
N THR A 37 1.70 5.69 -1.02
CA THR A 37 1.83 4.43 -1.74
C THR A 37 3.29 4.02 -1.85
N THR A 38 3.56 2.75 -1.56
CA THR A 38 4.90 2.21 -1.63
C THR A 38 4.86 0.72 -1.99
N TRP A 39 5.89 0.22 -2.67
CA TRP A 39 5.95 -1.20 -3.03
C TRP A 39 6.60 -1.99 -1.91
N GLU A 40 7.20 -1.28 -0.98
CA GLU A 40 7.99 -1.91 0.05
C GLU A 40 7.26 -1.85 1.38
N ASP A 41 7.69 -2.68 2.32
CA ASP A 41 6.93 -2.88 3.55
C ASP A 41 7.47 -2.05 4.69
N PRO A 42 6.58 -1.30 5.35
CA PRO A 42 6.91 -0.44 6.50
C PRO A 42 7.42 -1.23 7.70
N ARG A 43 7.29 -2.55 7.62
CA ARG A 43 7.74 -3.43 8.68
C ARG A 43 9.25 -3.59 8.63
N LEU A 44 9.76 -3.71 7.42
CA LEU A 44 11.20 -3.85 7.20
C LEU A 44 11.88 -2.50 7.28
N LYS A 45 11.05 -1.48 7.18
CA LYS A 45 11.43 -0.05 7.24
C LYS A 45 12.89 0.20 6.83
N GLN B 4 8.53 4.39 -10.63
CA GLN B 4 7.46 3.41 -10.34
C GLN B 4 6.53 3.94 -9.26
N ILE B 5 5.34 4.31 -9.67
CA ILE B 5 4.37 4.91 -8.75
C ILE B 5 3.22 3.94 -8.46
N PRO B 6 3.10 3.49 -7.20
CA PRO B 6 1.97 2.68 -6.77
C PRO B 6 0.67 3.48 -6.76
N PRO B 7 -0.37 2.98 -7.45
CA PRO B 7 -1.72 3.59 -7.43
C PRO B 7 -2.30 3.70 -6.02
N PRO B 8 -2.73 4.91 -5.61
CA PRO B 8 -3.46 5.14 -4.42
C PRO B 8 -4.61 4.26 -4.21
N TYR B 9 -5.13 4.63 -3.13
CA TYR B 9 -6.27 3.98 -2.52
C TYR B 9 -7.57 4.49 -3.12
N VAL B 10 -8.47 3.58 -3.46
CA VAL B 10 -9.77 3.93 -3.98
C VAL B 10 -10.85 3.43 -3.03
N GLU B 11 -10.43 2.66 -2.05
CA GLU B 11 -11.32 2.11 -1.04
C GLU B 11 -11.21 2.90 0.25
N PRO B 12 -12.25 3.66 0.61
CA PRO B 12 -12.28 4.46 1.83
C PRO B 12 -12.49 3.58 3.06
N PHE A 12 -0.65 -6.57 12.06
CA PHE A 12 0.41 -6.03 12.95
C PHE A 12 1.18 -4.91 12.27
N LEU A 13 0.74 -4.54 11.07
CA LEU A 13 1.27 -3.36 10.40
C LEU A 13 0.32 -2.19 10.64
N PRO A 14 0.79 -0.95 10.47
CA PRO A 14 0.00 0.25 10.73
C PRO A 14 -1.37 0.29 10.13
N LYS A 15 -2.18 0.99 10.84
CA LYS A 15 -3.61 1.05 10.58
C LYS A 15 -3.90 1.93 9.37
N GLY A 16 -4.69 1.39 8.46
CA GLY A 16 -4.99 2.10 7.22
C GLY A 16 -3.96 1.81 6.15
N TRP A 17 -2.99 0.97 6.50
CA TRP A 17 -2.00 0.55 5.53
C TRP A 17 -2.46 -0.73 4.85
N GLU A 18 -2.66 -0.65 3.56
CA GLU A 18 -3.14 -1.76 2.79
C GLU A 18 -2.02 -2.37 1.97
N VAL A 19 -2.15 -3.66 1.75
CA VAL A 19 -1.19 -4.40 0.95
C VAL A 19 -1.93 -5.13 -0.15
N ARG A 20 -2.08 -4.48 -1.28
CA ARG A 20 -2.83 -5.07 -2.38
C ARG A 20 -1.87 -5.61 -3.43
N HIS A 21 -2.23 -6.71 -4.05
CA HIS A 21 -1.41 -7.31 -5.10
C HIS A 21 -1.97 -6.91 -6.45
N ALA A 22 -1.25 -6.05 -7.16
CA ALA A 22 -1.68 -5.58 -8.47
C ALA A 22 -1.76 -6.74 -9.46
N PRO A 23 -2.42 -6.55 -10.62
CA PRO A 23 -2.59 -7.62 -11.62
C PRO A 23 -1.26 -8.17 -12.14
N ASN A 24 -0.18 -7.40 -11.94
CA ASN A 24 1.15 -7.84 -12.34
C ASN A 24 1.71 -8.78 -11.29
N GLY A 25 1.00 -8.85 -10.17
CA GLY A 25 1.37 -9.74 -9.10
C GLY A 25 2.36 -9.13 -8.13
N ARG A 26 2.20 -7.83 -7.86
CA ARG A 26 3.03 -7.16 -6.86
C ARG A 26 2.17 -6.53 -5.78
N PRO A 27 2.63 -6.57 -4.51
CA PRO A 27 1.96 -5.86 -3.41
C PRO A 27 2.45 -4.43 -3.28
N PHE A 28 1.54 -3.52 -3.55
CA PHE A 28 1.76 -2.11 -3.36
C PHE A 28 1.02 -1.67 -2.11
N PHE A 29 1.76 -1.10 -1.17
CA PHE A 29 1.22 -0.74 0.11
C PHE A 29 0.69 0.68 0.04
N ILE A 30 -0.58 0.82 0.39
CA ILE A 30 -1.21 2.10 0.37
C ILE A 30 -1.44 2.61 1.76
N ASP A 31 -1.09 3.85 1.98
CA ASP A 31 -1.45 4.53 3.20
C ASP A 31 -2.79 5.20 3.00
N HIS A 32 -3.78 4.74 3.73
CA HIS A 32 -5.15 5.20 3.55
C HIS A 32 -5.46 6.32 4.54
N ASN A 33 -4.46 6.73 5.30
CA ASN A 33 -4.62 7.80 6.28
C ASN A 33 -4.31 9.14 5.64
N THR A 34 -3.08 9.32 5.23
CA THR A 34 -2.61 10.57 4.63
C THR A 34 -2.58 10.44 3.11
N LYS A 35 -2.50 9.19 2.66
CA LYS A 35 -2.49 8.80 1.26
C LYS A 35 -1.10 8.91 0.65
N THR A 36 -0.46 7.76 0.61
CA THR A 36 0.82 7.59 -0.04
C THR A 36 0.92 6.16 -0.55
N THR A 37 1.66 5.93 -1.62
CA THR A 37 1.81 4.59 -2.15
C THR A 37 3.28 4.20 -2.30
N THR A 38 3.63 3.03 -1.81
CA THR A 38 5.00 2.55 -1.83
C THR A 38 5.03 1.03 -1.95
N TRP A 39 6.06 0.48 -2.57
CA TRP A 39 6.14 -0.97 -2.79
C TRP A 39 6.83 -1.65 -1.63
N GLU A 40 7.32 -0.85 -0.71
CA GLU A 40 8.12 -1.38 0.36
C GLU A 40 7.33 -1.41 1.67
N ASP A 41 7.75 -2.28 2.57
CA ASP A 41 6.91 -2.71 3.69
C ASP A 41 7.14 -1.86 4.95
N PRO A 42 6.06 -1.36 5.58
CA PRO A 42 6.16 -0.57 6.81
C PRO A 42 6.45 -1.41 8.05
N ARG A 43 6.34 -2.74 7.93
CA ARG A 43 6.65 -3.64 9.04
C ARG A 43 8.15 -3.72 9.22
N LEU A 44 8.83 -3.33 8.17
CA LEU A 44 10.29 -3.33 8.13
C LEU A 44 10.83 -2.13 8.90
N LYS A 45 9.93 -1.25 9.27
CA LYS A 45 10.27 -0.03 10.00
C LYS A 45 9.78 -0.10 11.43
N GLN B 4 8.25 2.67 -9.92
CA GLN B 4 7.13 3.34 -10.62
C GLN B 4 6.00 3.64 -9.64
N ILE B 5 5.37 4.80 -9.81
CA ILE B 5 4.31 5.27 -8.92
C ILE B 5 3.16 4.24 -8.80
N PRO B 6 2.96 3.68 -7.60
CA PRO B 6 1.89 2.72 -7.36
C PRO B 6 0.52 3.38 -7.21
N PRO B 7 -0.53 2.78 -7.80
CA PRO B 7 -1.94 3.23 -7.65
C PRO B 7 -2.39 3.39 -6.19
N PRO B 8 -2.92 4.57 -5.83
CA PRO B 8 -3.63 4.81 -4.62
C PRO B 8 -4.69 3.85 -4.31
N TYR B 9 -5.20 4.22 -3.24
CA TYR B 9 -6.28 3.54 -2.55
C TYR B 9 -7.62 3.83 -3.21
N VAL B 10 -8.49 2.83 -3.24
CA VAL B 10 -9.84 2.99 -3.76
C VAL B 10 -10.82 3.00 -2.60
N GLU B 11 -10.52 2.16 -1.62
CA GLU B 11 -11.30 2.06 -0.40
C GLU B 11 -10.65 2.91 0.68
N PRO B 12 -11.41 3.80 1.33
CA PRO B 12 -10.88 4.66 2.39
C PRO B 12 -10.40 3.87 3.61
N PHE A 12 -1.00 -7.63 10.62
CA PHE A 12 0.39 -7.39 11.05
C PHE A 12 0.91 -6.06 10.50
N LEU A 13 0.04 -5.33 9.81
CA LEU A 13 0.41 -4.05 9.22
C LEU A 13 -0.31 -2.91 9.93
N PRO A 14 0.33 -1.73 10.01
CA PRO A 14 -0.27 -0.51 10.52
C PRO A 14 -1.61 -0.15 9.96
N LYS A 15 -2.32 0.51 10.81
CA LYS A 15 -3.71 0.86 10.59
C LYS A 15 -3.84 1.78 9.38
N GLY A 16 -4.67 1.37 8.43
CA GLY A 16 -4.85 2.13 7.20
C GLY A 16 -3.84 1.76 6.15
N TRP A 17 -2.89 0.90 6.51
CA TRP A 17 -1.93 0.41 5.54
C TRP A 17 -2.47 -0.85 4.91
N GLU A 18 -2.74 -0.75 3.62
CA GLU A 18 -3.37 -1.83 2.90
C GLU A 18 -2.39 -2.54 1.99
N VAL A 19 -2.59 -3.83 1.88
CA VAL A 19 -1.73 -4.69 1.09
C VAL A 19 -2.54 -5.35 -0.01
N ARG A 20 -2.50 -4.77 -1.21
CA ARG A 20 -3.25 -5.31 -2.33
C ARG A 20 -2.31 -5.84 -3.38
N HIS A 21 -2.53 -7.06 -3.83
CA HIS A 21 -1.72 -7.63 -4.91
C HIS A 21 -2.39 -7.30 -6.24
N ALA A 22 -1.76 -6.44 -7.02
CA ALA A 22 -2.28 -6.02 -8.31
C ALA A 22 -2.34 -7.21 -9.27
N PRO A 23 -3.05 -7.10 -10.41
CA PRO A 23 -3.12 -8.17 -11.41
C PRO A 23 -1.76 -8.54 -11.99
N ASN A 24 -0.78 -7.65 -11.83
CA ASN A 24 0.58 -7.92 -12.24
C ASN A 24 1.26 -8.78 -11.18
N GLY A 25 0.58 -8.92 -10.05
CA GLY A 25 1.07 -9.73 -8.97
C GLY A 25 2.05 -8.99 -8.09
N ARG A 26 1.79 -7.72 -7.89
CA ARG A 26 2.56 -6.89 -6.96
C ARG A 26 1.67 -6.47 -5.81
N PRO A 27 2.10 -6.66 -4.56
CA PRO A 27 1.39 -6.15 -3.41
C PRO A 27 1.85 -4.75 -3.08
N PHE A 28 1.05 -3.79 -3.52
CA PHE A 28 1.35 -2.38 -3.31
C PHE A 28 0.65 -1.89 -2.07
N PHE A 29 1.43 -1.38 -1.14
CA PHE A 29 0.93 -0.99 0.16
C PHE A 29 0.49 0.45 0.12
N ILE A 30 -0.79 0.66 0.35
CA ILE A 30 -1.35 1.99 0.34
C ILE A 30 -1.56 2.47 1.75
N ASP A 31 -1.15 3.67 2.00
CA ASP A 31 -1.45 4.32 3.26
C ASP A 31 -2.76 5.06 3.11
N HIS A 32 -3.78 4.56 3.77
CA HIS A 32 -5.12 5.09 3.65
C HIS A 32 -5.37 6.18 4.69
N ASN A 33 -4.31 6.54 5.40
CA ASN A 33 -4.38 7.62 6.39
C ASN A 33 -4.03 8.95 5.74
N THR A 34 -2.76 9.12 5.41
CA THR A 34 -2.24 10.38 4.91
C THR A 34 -2.13 10.34 3.39
N LYS A 35 -2.36 9.14 2.85
CA LYS A 35 -2.33 8.87 1.41
C LYS A 35 -0.91 8.79 0.91
N THR A 36 -0.45 7.57 0.80
CA THR A 36 0.92 7.25 0.41
C THR A 36 0.95 5.92 -0.30
N THR A 37 1.89 5.72 -1.20
CA THR A 37 2.01 4.47 -1.91
C THR A 37 3.44 3.97 -1.92
N THR A 38 3.63 2.70 -1.55
CA THR A 38 4.96 2.12 -1.46
C THR A 38 4.88 0.60 -1.74
N TRP A 39 5.93 0.01 -2.29
CA TRP A 39 5.95 -1.43 -2.54
C TRP A 39 6.66 -2.14 -1.41
N GLU A 40 7.53 -1.39 -0.78
CA GLU A 40 8.40 -1.93 0.24
C GLU A 40 7.71 -1.91 1.60
N ASP A 41 7.69 -3.06 2.22
CA ASP A 41 6.98 -3.29 3.47
C ASP A 41 7.38 -2.28 4.54
N PRO A 42 6.40 -1.62 5.17
CA PRO A 42 6.63 -0.67 6.26
C PRO A 42 7.21 -1.36 7.49
N ARG A 43 7.20 -2.68 7.48
CA ARG A 43 7.73 -3.48 8.58
C ARG A 43 9.26 -3.43 8.63
N LEU A 44 9.85 -2.87 7.58
CA LEU A 44 11.30 -2.73 7.51
C LEU A 44 11.76 -1.55 8.35
N LYS A 45 10.80 -0.77 8.78
CA LYS A 45 11.07 0.40 9.60
C LYS A 45 10.74 0.12 11.06
N GLN B 4 6.61 -0.06 -10.64
CA GLN B 4 6.97 1.37 -10.75
C GLN B 4 5.74 2.23 -10.53
N ILE B 5 5.77 3.04 -9.47
CA ILE B 5 4.65 3.91 -9.10
C ILE B 5 3.44 3.11 -8.63
N PRO B 6 3.27 2.97 -7.30
CA PRO B 6 2.14 2.26 -6.72
C PRO B 6 0.85 3.08 -6.80
N PRO B 7 -0.19 2.53 -7.45
CA PRO B 7 -1.53 3.15 -7.50
C PRO B 7 -2.17 3.32 -6.11
N PRO B 8 -2.57 4.55 -5.74
CA PRO B 8 -3.38 4.83 -4.61
C PRO B 8 -4.60 4.00 -4.50
N TYR B 9 -5.17 4.39 -3.48
CA TYR B 9 -6.43 3.84 -3.00
C TYR B 9 -7.59 4.72 -3.48
N VAL B 10 -8.65 4.10 -3.93
CA VAL B 10 -9.87 4.80 -4.27
C VAL B 10 -11.00 4.29 -3.38
N GLU B 11 -10.73 3.18 -2.70
CA GLU B 11 -11.68 2.55 -1.81
C GLU B 11 -11.63 3.19 -0.41
N PRO B 12 -12.72 3.85 -0.01
CA PRO B 12 -12.83 4.50 1.29
C PRO B 12 -12.97 3.48 2.42
N PHE A 12 0.00 -6.36 13.07
CA PHE A 12 1.39 -6.01 13.40
C PHE A 12 1.92 -4.92 12.46
N LEU A 13 1.06 -4.48 11.56
CA LEU A 13 1.45 -3.44 10.61
C LEU A 13 0.55 -2.22 10.77
N PRO A 14 1.05 -1.03 10.41
CA PRO A 14 0.35 0.25 10.57
C PRO A 14 -1.05 0.29 10.04
N LYS A 15 -1.76 1.13 10.70
CA LYS A 15 -3.19 1.32 10.46
C LYS A 15 -3.42 2.00 9.12
N GLY A 16 -4.46 1.59 8.42
CA GLY A 16 -4.77 2.15 7.11
C GLY A 16 -3.78 1.68 6.05
N TRP A 17 -2.87 0.81 6.43
CA TRP A 17 -1.90 0.27 5.48
C TRP A 17 -2.46 -1.01 4.85
N GLU A 18 -2.72 -0.92 3.57
CA GLU A 18 -3.31 -2.03 2.84
C GLU A 18 -2.33 -2.68 1.91
N VAL A 19 -2.52 -3.96 1.72
CA VAL A 19 -1.66 -4.73 0.84
C VAL A 19 -2.49 -5.29 -0.31
N ARG A 20 -2.45 -4.62 -1.44
CA ARG A 20 -3.22 -5.05 -2.59
C ARG A 20 -2.29 -5.54 -3.68
N HIS A 21 -2.74 -6.53 -4.41
CA HIS A 21 -1.95 -7.09 -5.51
C HIS A 21 -2.50 -6.52 -6.82
N ALA A 22 -1.71 -5.70 -7.49
CA ALA A 22 -2.10 -5.15 -8.78
C ALA A 22 -2.22 -6.28 -9.80
N PRO A 23 -2.97 -6.07 -10.90
CA PRO A 23 -3.19 -7.11 -11.92
C PRO A 23 -1.90 -7.63 -12.55
N ASN A 24 -0.79 -6.91 -12.33
CA ASN A 24 0.51 -7.33 -12.83
C ASN A 24 1.08 -8.39 -11.88
N GLY A 25 0.44 -8.53 -10.73
CA GLY A 25 0.81 -9.53 -9.78
C GLY A 25 1.76 -9.02 -8.70
N ARG A 26 1.69 -7.73 -8.41
CA ARG A 26 2.54 -7.13 -7.40
C ARG A 26 1.71 -6.45 -6.31
N PRO A 27 2.12 -6.60 -5.04
CA PRO A 27 1.47 -5.94 -3.92
C PRO A 27 2.05 -4.55 -3.66
N PHE A 28 1.19 -3.57 -3.82
CA PHE A 28 1.49 -2.20 -3.52
C PHE A 28 0.79 -1.84 -2.22
N PHE A 29 1.56 -1.37 -1.26
CA PHE A 29 1.04 -1.10 0.06
C PHE A 29 0.54 0.33 0.11
N ILE A 30 -0.75 0.47 0.27
CA ILE A 30 -1.36 1.77 0.27
C ILE A 30 -1.51 2.29 1.67
N ASP A 31 -1.02 3.48 1.87
CA ASP A 31 -1.24 4.22 3.09
C ASP A 31 -2.50 5.04 2.93
N HIS A 32 -3.57 4.58 3.55
CA HIS A 32 -4.88 5.18 3.39
C HIS A 32 -5.04 6.37 4.33
N ASN A 33 -3.99 6.68 5.10
CA ASN A 33 -4.03 7.80 6.03
C ASN A 33 -3.55 9.07 5.35
N THR A 34 -2.33 9.03 4.82
CA THR A 34 -1.71 10.20 4.22
C THR A 34 -1.78 10.14 2.70
N LYS A 35 -2.40 9.06 2.20
CA LYS A 35 -2.57 8.83 0.76
C LYS A 35 -1.22 8.53 0.10
N THR A 36 -0.34 7.88 0.86
CA THR A 36 0.99 7.54 0.37
C THR A 36 0.99 6.15 -0.23
N THR A 37 1.85 5.90 -1.20
CA THR A 37 1.94 4.59 -1.80
C THR A 37 3.39 4.11 -1.90
N THR A 38 3.61 2.85 -1.56
CA THR A 38 4.96 2.27 -1.56
C THR A 38 4.88 0.78 -1.86
N TRP A 39 5.91 0.22 -2.48
CA TRP A 39 5.93 -1.22 -2.78
C TRP A 39 6.59 -1.97 -1.65
N GLU A 40 7.30 -1.25 -0.82
CA GLU A 40 8.10 -1.88 0.20
C GLU A 40 7.31 -2.04 1.49
N ASP A 41 7.75 -2.97 2.32
CA ASP A 41 6.94 -3.47 3.42
C ASP A 41 7.14 -2.63 4.67
N PRO A 42 6.04 -2.21 5.31
CA PRO A 42 6.08 -1.46 6.57
C PRO A 42 6.69 -2.29 7.70
N ARG A 43 6.87 -3.57 7.45
CA ARG A 43 7.50 -4.48 8.42
C ARG A 43 8.91 -4.01 8.74
N LEU A 44 9.51 -3.27 7.81
CA LEU A 44 10.85 -2.72 7.98
C LEU A 44 10.81 -1.46 8.83
N LYS A 45 9.61 -1.00 9.08
CA LYS A 45 9.37 0.22 9.81
C LYS A 45 8.67 -0.08 11.13
N GLN B 4 7.04 2.22 -11.35
CA GLN B 4 7.14 3.60 -10.82
C GLN B 4 5.79 4.08 -10.31
N ILE B 5 5.76 4.55 -9.06
CA ILE B 5 4.57 5.12 -8.43
C ILE B 5 3.42 4.10 -8.32
N PRO B 6 3.21 3.56 -7.12
CA PRO B 6 2.09 2.68 -6.82
C PRO B 6 0.76 3.45 -6.80
N PRO B 7 -0.26 2.95 -7.49
CA PRO B 7 -1.62 3.53 -7.45
C PRO B 7 -2.20 3.57 -6.03
N PRO B 8 -2.71 4.74 -5.58
CA PRO B 8 -3.48 4.88 -4.42
C PRO B 8 -4.60 3.93 -4.29
N TYR B 9 -5.17 4.21 -3.24
CA TYR B 9 -6.33 3.48 -2.73
C TYR B 9 -7.57 3.81 -3.58
N VAL B 10 -8.15 2.78 -4.20
CA VAL B 10 -9.34 2.95 -5.02
C VAL B 10 -10.59 2.76 -4.15
N GLU B 11 -10.35 2.33 -2.93
CA GLU B 11 -11.40 2.09 -1.95
C GLU B 11 -11.79 3.38 -1.26
N PRO B 12 -13.07 3.78 -1.35
CA PRO B 12 -13.59 4.96 -0.68
C PRO B 12 -13.88 4.69 0.80
N PHE A 12 -0.73 -7.57 10.26
CA PHE A 12 -0.03 -6.93 11.40
C PHE A 12 0.55 -5.57 10.99
N LEU A 13 0.26 -5.14 9.77
CA LEU A 13 0.74 -3.86 9.28
C LEU A 13 -0.04 -2.72 9.94
N PRO A 14 0.56 -1.53 10.03
CA PRO A 14 -0.09 -0.33 10.57
C PRO A 14 -1.44 -0.03 10.00
N LYS A 15 -2.17 0.59 10.85
CA LYS A 15 -3.58 0.86 10.60
C LYS A 15 -3.74 1.82 9.43
N GLY A 16 -4.67 1.51 8.55
CA GLY A 16 -4.85 2.26 7.32
C GLY A 16 -3.83 1.88 6.25
N TRP A 17 -2.84 1.08 6.61
CA TRP A 17 -1.88 0.58 5.64
C TRP A 17 -2.38 -0.73 5.07
N GLU A 18 -2.66 -0.75 3.79
CA GLU A 18 -3.22 -1.93 3.16
C GLU A 18 -2.28 -2.53 2.15
N VAL A 19 -2.34 -3.84 2.08
CA VAL A 19 -1.49 -4.62 1.18
C VAL A 19 -2.35 -5.19 0.06
N ARG A 20 -2.41 -4.50 -1.06
CA ARG A 20 -3.14 -5.00 -2.22
C ARG A 20 -2.16 -5.45 -3.29
N HIS A 21 -2.51 -6.48 -4.04
CA HIS A 21 -1.59 -7.08 -5.00
C HIS A 21 -2.10 -6.80 -6.41
N ALA A 22 -1.33 -6.05 -7.18
CA ALA A 22 -1.70 -5.67 -8.54
C ALA A 22 -1.80 -6.91 -9.45
N PRO A 23 -2.41 -6.79 -10.64
CA PRO A 23 -2.58 -7.92 -11.57
C PRO A 23 -1.26 -8.53 -12.02
N ASN A 24 -0.18 -7.76 -11.96
CA ASN A 24 1.15 -8.24 -12.29
C ASN A 24 1.71 -9.02 -11.12
N GLY A 25 1.00 -8.92 -10.01
CA GLY A 25 1.41 -9.59 -8.80
C GLY A 25 2.43 -8.79 -8.02
N ARG A 26 2.16 -7.51 -7.86
CA ARG A 26 2.95 -6.66 -6.98
C ARG A 26 2.05 -6.09 -5.89
N PRO A 27 2.42 -6.24 -4.62
CA PRO A 27 1.65 -5.66 -3.53
C PRO A 27 2.08 -4.25 -3.22
N PHE A 28 1.23 -3.33 -3.61
CA PHE A 28 1.42 -1.92 -3.35
C PHE A 28 0.72 -1.57 -2.05
N PHE A 29 1.48 -1.04 -1.12
CA PHE A 29 0.97 -0.75 0.20
C PHE A 29 0.40 0.64 0.22
N ILE A 30 -0.89 0.71 0.39
CA ILE A 30 -1.59 1.96 0.40
C ILE A 30 -1.73 2.47 1.80
N ASP A 31 -1.28 3.68 2.00
CA ASP A 31 -1.52 4.37 3.24
C ASP A 31 -2.82 5.14 3.11
N HIS A 32 -3.84 4.62 3.77
CA HIS A 32 -5.19 5.14 3.65
C HIS A 32 -5.38 6.32 4.60
N ASN A 33 -4.32 6.65 5.34
CA ASN A 33 -4.36 7.76 6.28
C ASN A 33 -3.93 9.07 5.61
N THR A 34 -2.64 9.19 5.33
CA THR A 34 -2.06 10.42 4.82
C THR A 34 -1.98 10.38 3.29
N LYS A 35 -2.39 9.24 2.73
CA LYS A 35 -2.32 9.00 1.30
C LYS A 35 -0.88 8.89 0.83
N THR A 36 -0.33 7.70 1.00
CA THR A 36 1.04 7.41 0.61
C THR A 36 1.05 6.05 -0.08
N THR A 37 1.98 5.85 -1.01
CA THR A 37 2.02 4.63 -1.77
C THR A 37 3.45 4.14 -1.98
N THR A 38 3.70 2.88 -1.63
CA THR A 38 5.03 2.30 -1.74
C THR A 38 4.91 0.79 -2.00
N TRP A 39 5.88 0.21 -2.70
CA TRP A 39 5.83 -1.22 -3.01
C TRP A 39 6.50 -2.02 -1.92
N GLU A 40 7.19 -1.34 -1.03
CA GLU A 40 8.02 -2.01 -0.06
C GLU A 40 7.38 -1.99 1.32
N ASP A 41 7.85 -2.90 2.15
CA ASP A 41 7.18 -3.23 3.41
C ASP A 41 7.56 -2.28 4.53
N PRO A 42 6.56 -1.70 5.21
CA PRO A 42 6.76 -0.83 6.38
C PRO A 42 7.36 -1.60 7.56
N ARG A 43 7.41 -2.92 7.44
CA ARG A 43 7.94 -3.77 8.51
C ARG A 43 9.42 -3.47 8.74
N LEU A 44 10.03 -2.76 7.80
CA LEU A 44 11.45 -2.45 7.86
C LEU A 44 11.72 -1.29 8.80
N LYS A 45 10.67 -0.66 9.21
CA LYS A 45 10.75 0.49 10.10
C LYS A 45 10.66 0.04 11.55
N GLN B 4 7.22 2.27 -12.08
CA GLN B 4 6.28 1.66 -11.12
C GLN B 4 5.72 2.72 -10.18
N ILE B 5 4.45 3.04 -10.35
CA ILE B 5 3.76 4.01 -9.51
C ILE B 5 2.61 3.31 -8.77
N PRO B 6 2.71 3.18 -7.43
CA PRO B 6 1.64 2.58 -6.64
C PRO B 6 0.41 3.47 -6.58
N PRO B 7 -0.74 2.97 -7.02
CA PRO B 7 -2.01 3.70 -6.97
C PRO B 7 -2.69 3.63 -5.61
N PRO B 8 -3.08 4.79 -5.04
CA PRO B 8 -3.85 4.90 -3.86
C PRO B 8 -5.06 4.07 -3.83
N TYR B 9 -5.60 4.30 -2.73
CA TYR B 9 -6.79 3.63 -2.24
C TYR B 9 -7.99 3.93 -3.14
N VAL B 10 -8.75 2.89 -3.45
CA VAL B 10 -9.96 3.03 -4.24
C VAL B 10 -11.16 3.04 -3.32
N GLU B 11 -10.97 2.42 -2.15
CA GLU B 11 -12.02 2.25 -1.16
C GLU B 11 -12.47 3.59 -0.60
N PRO B 12 -13.74 3.96 -0.83
CA PRO B 12 -14.31 5.23 -0.38
C PRO B 12 -14.26 5.39 1.14
N PHE A 12 -1.32 -7.48 10.88
CA PHE A 12 -0.05 -7.16 11.57
C PHE A 12 0.53 -5.83 11.06
N LEU A 13 -0.30 -5.02 10.42
CA LEU A 13 0.17 -3.75 9.87
C LEU A 13 -0.47 -2.55 10.56
N PRO A 14 0.22 -1.40 10.54
CA PRO A 14 -0.32 -0.11 10.95
C PRO A 14 -1.64 0.25 10.34
N LYS A 15 -2.32 1.03 11.11
CA LYS A 15 -3.69 1.42 10.82
C LYS A 15 -3.77 2.23 9.53
N GLY A 16 -4.58 1.75 8.60
CA GLY A 16 -4.73 2.39 7.32
C GLY A 16 -3.71 1.91 6.30
N TRP A 17 -2.80 1.05 6.73
CA TRP A 17 -1.82 0.47 5.82
C TRP A 17 -2.36 -0.81 5.23
N GLU A 18 -2.60 -0.78 3.94
CA GLU A 18 -3.22 -1.89 3.25
C GLU A 18 -2.27 -2.56 2.28
N VAL A 19 -2.47 -3.85 2.12
CA VAL A 19 -1.67 -4.65 1.22
C VAL A 19 -2.56 -5.25 0.14
N ARG A 20 -2.42 -4.76 -1.08
CA ARG A 20 -3.17 -5.31 -2.20
C ARG A 20 -2.23 -5.68 -3.32
N HIS A 21 -2.60 -6.68 -4.09
CA HIS A 21 -1.74 -7.20 -5.15
C HIS A 21 -2.26 -6.70 -6.49
N ALA A 22 -1.51 -5.81 -7.12
CA ALA A 22 -1.85 -5.29 -8.43
C ALA A 22 -1.84 -6.42 -9.46
N PRO A 23 -2.53 -6.26 -10.61
CA PRO A 23 -2.65 -7.31 -11.64
C PRO A 23 -1.30 -7.83 -12.16
N ASN A 24 -0.23 -7.09 -11.91
CA ASN A 24 1.11 -7.52 -12.33
C ASN A 24 1.64 -8.55 -11.33
N GLY A 25 0.99 -8.61 -10.18
CA GLY A 25 1.39 -9.53 -9.15
C GLY A 25 2.26 -8.88 -8.09
N ARG A 26 2.07 -7.60 -7.87
CA ARG A 26 2.81 -6.88 -6.84
C ARG A 26 1.89 -6.30 -5.80
N PRO A 27 2.23 -6.47 -4.51
CA PRO A 27 1.48 -5.87 -3.41
C PRO A 27 1.99 -4.48 -3.07
N PHE A 28 1.14 -3.53 -3.37
CA PHE A 28 1.41 -2.14 -3.08
C PHE A 28 0.74 -1.79 -1.75
N PHE A 29 1.55 -1.33 -0.82
CA PHE A 29 1.07 -1.02 0.50
C PHE A 29 0.62 0.42 0.54
N ILE A 30 -0.68 0.60 0.63
CA ILE A 30 -1.27 1.90 0.59
C ILE A 30 -1.45 2.44 1.99
N ASP A 31 -0.98 3.64 2.19
CA ASP A 31 -1.26 4.38 3.41
C ASP A 31 -2.54 5.16 3.20
N HIS A 32 -3.60 4.65 3.78
CA HIS A 32 -4.93 5.19 3.57
C HIS A 32 -5.16 6.42 4.46
N ASN A 33 -4.12 6.80 5.20
CA ASN A 33 -4.19 7.99 6.04
C ASN A 33 -3.74 9.22 5.26
N THR A 34 -2.48 9.20 4.81
CA THR A 34 -1.88 10.35 4.14
C THR A 34 -2.02 10.22 2.62
N LYS A 35 -2.71 9.17 2.18
CA LYS A 35 -2.98 8.93 0.76
C LYS A 35 -1.70 8.62 -0.01
N THR A 36 -0.71 8.10 0.70
CA THR A 36 0.61 7.84 0.12
C THR A 36 0.79 6.35 -0.17
N THR A 37 1.56 6.00 -1.18
CA THR A 37 1.73 4.62 -1.57
C THR A 37 3.20 4.21 -1.66
N THR A 38 3.47 2.95 -1.36
CA THR A 38 4.81 2.39 -1.46
C THR A 38 4.73 0.90 -1.79
N TRP A 39 5.73 0.36 -2.49
CA TRP A 39 5.73 -1.07 -2.82
C TRP A 39 6.38 -1.87 -1.73
N GLU A 40 7.07 -1.18 -0.85
CA GLU A 40 7.91 -1.86 0.10
C GLU A 40 7.27 -1.87 1.48
N ASP A 41 7.71 -2.82 2.29
CA ASP A 41 7.02 -3.17 3.52
C ASP A 41 7.36 -2.19 4.64
N PRO A 42 6.34 -1.76 5.41
CA PRO A 42 6.54 -0.90 6.58
C PRO A 42 7.34 -1.60 7.68
N ARG A 43 7.54 -2.90 7.50
CA ARG A 43 8.31 -3.71 8.43
C ARG A 43 9.80 -3.54 8.18
N LEU A 44 10.14 -2.89 7.08
CA LEU A 44 11.54 -2.60 6.76
C LEU A 44 12.07 -1.48 7.64
N LYS A 45 11.16 -0.87 8.35
CA LYS A 45 11.49 0.17 9.31
C LYS A 45 11.21 -0.33 10.72
N GLN B 4 8.73 3.11 -10.52
CA GLN B 4 7.35 2.59 -10.68
C GLN B 4 6.45 3.19 -9.61
N ILE B 5 5.51 4.01 -10.04
CA ILE B 5 4.57 4.64 -9.11
C ILE B 5 3.49 3.64 -8.66
N PRO B 6 3.30 3.52 -7.33
CA PRO B 6 2.24 2.69 -6.77
C PRO B 6 0.90 3.40 -6.72
N PRO B 7 -0.14 2.82 -7.34
CA PRO B 7 -1.52 3.35 -7.28
C PRO B 7 -2.08 3.44 -5.87
N PRO B 8 -2.57 4.62 -5.45
CA PRO B 8 -3.38 4.80 -4.30
C PRO B 8 -4.52 3.87 -4.20
N TYR B 9 -5.11 4.17 -3.16
CA TYR B 9 -6.31 3.49 -2.69
C TYR B 9 -7.52 3.91 -3.54
N VAL B 10 -8.14 2.95 -4.20
CA VAL B 10 -9.32 3.21 -5.02
C VAL B 10 -10.58 3.07 -4.16
N GLU B 11 -10.35 2.74 -2.90
CA GLU B 11 -11.42 2.51 -1.95
C GLU B 11 -12.07 3.82 -1.54
N PRO B 12 -13.38 3.95 -1.75
CA PRO B 12 -14.15 5.13 -1.36
C PRO B 12 -14.27 5.27 0.16
N PHE A 12 -1.81 -7.46 10.81
CA PHE A 12 -0.45 -7.40 11.41
C PHE A 12 0.28 -6.14 10.96
N LEU A 13 -0.39 -5.32 10.18
CA LEU A 13 0.21 -4.09 9.68
C LEU A 13 -0.44 -2.88 10.34
N PRO A 14 0.28 -1.74 10.34
CA PRO A 14 -0.26 -0.45 10.77
C PRO A 14 -1.58 -0.08 10.18
N LYS A 15 -2.26 0.68 10.97
CA LYS A 15 -3.64 1.06 10.71
C LYS A 15 -3.77 1.75 9.35
N GLY A 16 -4.76 1.33 8.59
CA GLY A 16 -5.00 1.90 7.27
C GLY A 16 -3.99 1.44 6.22
N TRP A 17 -3.05 0.58 6.60
CA TRP A 17 -2.08 0.07 5.65
C TRP A 17 -2.59 -1.21 5.02
N GLU A 18 -2.83 -1.13 3.72
CA GLU A 18 -3.42 -2.23 3.00
C GLU A 18 -2.47 -2.83 1.99
N VAL A 19 -2.65 -4.11 1.76
CA VAL A 19 -1.84 -4.87 0.84
C VAL A 19 -2.70 -5.41 -0.29
N ARG A 20 -2.50 -4.91 -1.49
CA ARG A 20 -3.25 -5.40 -2.64
C ARG A 20 -2.31 -5.77 -3.77
N HIS A 21 -2.60 -6.86 -4.46
CA HIS A 21 -1.82 -7.28 -5.62
C HIS A 21 -2.41 -6.65 -6.88
N ALA A 22 -1.65 -5.77 -7.51
CA ALA A 22 -2.06 -5.17 -8.77
C ALA A 22 -2.04 -6.22 -9.88
N PRO A 23 -2.69 -5.95 -11.03
CA PRO A 23 -2.76 -6.91 -12.14
C PRO A 23 -1.39 -7.35 -12.66
N ASN A 24 -0.35 -6.65 -12.26
CA ASN A 24 1.00 -6.96 -12.70
C ASN A 24 1.56 -8.10 -11.88
N GLY A 25 0.94 -8.35 -10.73
CA GLY A 25 1.38 -9.42 -9.86
C GLY A 25 2.14 -8.92 -8.65
N ARG A 26 2.10 -7.61 -8.44
CA ARG A 26 2.80 -7.00 -7.30
C ARG A 26 1.81 -6.46 -6.28
N PRO A 27 2.13 -6.61 -4.98
CA PRO A 27 1.39 -5.97 -3.91
C PRO A 27 1.92 -4.59 -3.60
N PHE A 28 1.04 -3.62 -3.76
CA PHE A 28 1.33 -2.25 -3.44
C PHE A 28 0.62 -1.89 -2.15
N PHE A 29 1.40 -1.45 -1.17
CA PHE A 29 0.89 -1.20 0.16
C PHE A 29 0.41 0.24 0.24
N ILE A 30 -0.87 0.41 0.49
CA ILE A 30 -1.46 1.72 0.52
C ILE A 30 -1.68 2.19 1.93
N ASP A 31 -1.30 3.42 2.18
CA ASP A 31 -1.64 4.10 3.41
C ASP A 31 -2.97 4.81 3.20
N HIS A 32 -4.00 4.30 3.85
CA HIS A 32 -5.35 4.81 3.64
C HIS A 32 -5.65 5.95 4.61
N ASN A 33 -4.63 6.39 5.35
CA ASN A 33 -4.78 7.49 6.30
C ASN A 33 -4.49 8.82 5.63
N THR A 34 -3.27 8.97 5.14
CA THR A 34 -2.83 10.23 4.55
C THR A 34 -2.73 10.10 3.03
N LYS A 35 -2.88 8.86 2.57
CA LYS A 35 -2.82 8.51 1.16
C LYS A 35 -1.40 8.60 0.63
N THR A 36 -0.66 7.53 0.86
CA THR A 36 0.68 7.37 0.33
C THR A 36 0.88 5.91 -0.07
N THR A 37 1.71 5.66 -1.07
CA THR A 37 1.84 4.31 -1.60
C THR A 37 3.30 3.87 -1.71
N THR A 38 3.56 2.62 -1.33
CA THR A 38 4.89 2.06 -1.40
C THR A 38 4.78 0.53 -1.64
N TRP A 39 5.73 -0.05 -2.36
CA TRP A 39 5.69 -1.49 -2.66
C TRP A 39 6.38 -2.26 -1.56
N GLU A 40 7.34 -1.59 -0.96
CA GLU A 40 8.21 -2.19 0.01
C GLU A 40 7.58 -2.17 1.39
N ASP A 41 7.53 -3.35 1.99
CA ASP A 41 6.88 -3.59 3.28
C ASP A 41 7.35 -2.61 4.33
N PRO A 42 6.41 -2.02 5.09
CA PRO A 42 6.73 -1.06 6.15
C PRO A 42 7.53 -1.70 7.30
N ARG A 43 7.61 -3.02 7.30
CA ARG A 43 8.38 -3.75 8.30
C ARG A 43 9.86 -3.74 7.96
N LEU A 44 10.20 -3.27 6.77
CA LEU A 44 11.59 -3.22 6.31
C LEU A 44 12.35 -2.07 6.96
N LYS A 45 11.61 -1.21 7.62
CA LYS A 45 12.17 -0.04 8.26
C LYS A 45 12.26 -0.25 9.77
N GLN B 4 8.64 2.99 -9.48
CA GLN B 4 7.25 2.85 -9.94
C GLN B 4 6.29 3.47 -8.92
N ILE B 5 5.41 4.35 -9.39
CA ILE B 5 4.43 4.99 -8.53
C ILE B 5 3.24 4.06 -8.29
N PRO B 6 3.05 3.56 -7.06
CA PRO B 6 1.91 2.70 -6.73
C PRO B 6 0.60 3.49 -6.67
N PRO B 7 -0.44 3.01 -7.37
CA PRO B 7 -1.79 3.59 -7.30
C PRO B 7 -2.35 3.60 -5.86
N PRO B 8 -2.87 4.75 -5.40
CA PRO B 8 -3.65 4.87 -4.22
C PRO B 8 -4.74 3.89 -4.09
N TYR B 9 -5.32 4.15 -3.03
CA TYR B 9 -6.42 3.38 -2.50
C TYR B 9 -7.69 3.64 -3.31
N VAL B 10 -8.54 2.62 -3.40
CA VAL B 10 -9.83 2.76 -4.07
C VAL B 10 -10.94 2.69 -3.03
N GLU B 11 -10.65 1.99 -1.94
CA GLU B 11 -11.59 1.81 -0.85
C GLU B 11 -11.66 3.07 0.01
N PRO B 12 -12.84 3.68 0.10
CA PRO B 12 -13.05 4.90 0.88
C PRO B 12 -13.09 4.62 2.38
#